data_7T5P
#
_entry.id   7T5P
#
_cell.length_a   1.00
_cell.length_b   1.00
_cell.length_c   1.00
_cell.angle_alpha   90.00
_cell.angle_beta   90.00
_cell.angle_gamma   90.00
#
_symmetry.space_group_name_H-M   'P 1'
#
loop_
_entity.id
_entity.type
_entity.pdbx_description
1 polymer 'SUMO-interacting motif-containing protein 1'
2 polymer 'SMC5-SMC6 complex localization factor protein 2'
#
loop_
_entity_poly.entity_id
_entity_poly.type
_entity_poly.pdbx_seq_one_letter_code
_entity_poly.pdbx_strand_id
1 'polypeptide(L)'
;AYLQDMPRSPGDVPQSPSDVSPSPDAPQSPGGMPHLPGDVLHSPGDMPHSSGDVTHSPRDIPHLPGDRPDFTQNDVQNRD
MPMDISALSSPSCSPRPQSETPLEKVPWLSVMETPARKEISLSEPAKPGSAHVQSRTPQGGLYNRPCLHRLKYFLRPPVH
HLFFQTLIPDKDTRENKGQRLEPIPHRRLRMVTNTIEENFPLGTVQFLMDFVSPQHYPPREIVAHIIQKILLSGSETVDV
LKEAYMLLMKIQQLHPANAKTVEWDWKLLTYVMEEEGQTLPGRVLFLRYVVQTLEDDFQQTLRRQRQHLQQSIANMVLSC
DKQPHNVRDVIKWLVKAVTEDGLTQPPNGNQTSSGTGILKASSSHPSSQPNLTKNTNQLIVCQLQRMLSIAVEVDRTPTC
SSNKIAEMMFGFVLDIPERSQREMFFTTMESHLLRCKVLEIIFLHSCETPTRLPLSLAQALYFLNNSTSLLKCQSDKSQW
QTWDELVERLQFLLSSYQHVLREHLRSSVIDRKDLIIKRIKPKPQQGDDITVVDVEKQIEAFRSRLIQMLGEPLVPQLQD
KVHLLKLLLFYAADLNPDAEPFQKGWSGS
;
A
2 'polypeptide(L)'
;TPAATGKPPALSKGLRSQSSDYTGHVHPGTYTNTLERLVKEMEDTQRLDELQKQLQEDIRQGRGIKSPIRIGEEDSTDDE
DGLLEEHKEFLKKFSVTIDAIPDHHPGEEIFNFLNSGKIFNQYTLDLRDSGFIGQSAVEKLILKSGKTDQIFLTTQGFLT
SAYHYVQCPVPVLKWLFRMMSVHTDCIVSVQILSTLMEITIRNDTFSDSPVWPWIPSLSDVAAVFFNMGIDFRSLFPLEN
LQPDFNEDYLVSETQTTSRGKESEDSSYKPIFSTLPETNILNVVKFLGLCTSIHPEGYQDREIMLLILMLFKMSLEKQLK
QIPLVDFQSLLINLMKNIRDWNTKVPELCLGINELSSHPHNLLWLVQLVPNWTSRGRQLRQCLSLVIISKLLDEKHEDVP
NASNLQVSVLHRYLVQMKPSDLLKKMVLKKKAEQPDGIIDDSLHLELEKQAYYLTYILLHLVGEVSCSHSFSSGQRKHFV
LLCGALEKHVKCDIREDARLFYRTKVKDLVARIHGKWQEIIQNCRPTQGQLHDFWVPDS
;
B
#
# COMPACT_ATOMS: atom_id res chain seq x y z
N LEU A 142 -22.17 14.24 15.04
CA LEU A 142 -23.14 14.83 14.13
C LEU A 142 -22.47 15.31 12.84
N TYR A 143 -21.26 14.81 12.57
CA TYR A 143 -20.56 15.16 11.36
C TYR A 143 -21.24 14.52 10.15
N ASN A 144 -21.22 15.24 9.02
CA ASN A 144 -21.86 14.78 7.79
C ASN A 144 -20.97 13.70 7.17
N ARG A 145 -21.20 12.46 7.58
CA ARG A 145 -20.45 11.36 7.00
C ARG A 145 -20.80 11.22 5.52
N PRO A 146 -19.84 10.87 4.66
CA PRO A 146 -20.17 10.63 3.25
C PRO A 146 -21.04 9.39 3.06
N CYS A 147 -21.49 9.17 1.83
CA CYS A 147 -22.33 8.01 1.51
C CYS A 147 -21.44 6.76 1.51
N LEU A 148 -21.21 6.23 2.71
CA LEU A 148 -20.28 5.12 2.88
C LEU A 148 -20.74 3.85 2.17
N HIS A 149 -21.99 3.79 1.72
CA HIS A 149 -22.50 2.55 1.14
C HIS A 149 -21.60 2.05 0.02
N ARG A 150 -21.01 2.96 -0.75
CA ARG A 150 -20.24 2.54 -1.92
C ARG A 150 -18.98 1.75 -1.55
N LEU A 151 -18.57 1.76 -0.28
CA LEU A 151 -17.38 1.03 0.13
C LEU A 151 -17.67 -0.42 0.53
N LYS A 152 -18.93 -0.77 0.76
CA LYS A 152 -19.26 -2.11 1.23
C LYS A 152 -19.24 -3.16 0.13
N TYR A 153 -19.27 -2.75 -1.14
CA TYR A 153 -19.53 -3.71 -2.21
C TYR A 153 -18.44 -4.78 -2.27
N PHE A 154 -17.18 -4.37 -2.13
CA PHE A 154 -16.05 -5.33 -2.16
C PHE A 154 -15.07 -4.88 -1.07
N LEU A 155 -15.24 -5.45 0.13
CA LEU A 155 -14.40 -5.09 1.26
C LEU A 155 -13.02 -5.73 1.21
N ARG A 156 -12.76 -6.62 0.26
CA ARG A 156 -11.51 -7.35 0.25
C ARG A 156 -10.35 -6.41 -0.06
N PRO A 157 -9.13 -6.78 0.29
CA PRO A 157 -8.00 -5.84 0.22
C PRO A 157 -7.57 -5.60 -1.22
N PRO A 158 -7.53 -4.34 -1.67
CA PRO A 158 -6.86 -4.02 -2.94
C PRO A 158 -5.36 -3.89 -2.76
N VAL A 159 -4.66 -3.49 -3.82
CA VAL A 159 -3.23 -3.23 -3.71
C VAL A 159 -2.97 -1.81 -3.25
N HIS A 160 -3.74 -0.84 -3.75
CA HIS A 160 -3.64 0.55 -3.32
C HIS A 160 -5.04 1.10 -3.12
N HIS A 161 -5.16 2.08 -2.23
CA HIS A 161 -6.44 2.65 -1.83
C HIS A 161 -6.68 4.02 -2.46
N LEU A 162 -6.32 4.18 -3.73
CA LEU A 162 -6.56 5.45 -4.41
C LEU A 162 -8.05 5.75 -4.51
N PHE A 163 -8.91 4.76 -4.29
CA PHE A 163 -10.35 5.01 -4.34
C PHE A 163 -10.78 6.07 -3.36
N PHE A 164 -9.99 6.32 -2.31
CA PHE A 164 -10.33 7.35 -1.35
C PHE A 164 -10.44 8.72 -1.99
N GLN A 165 -9.83 8.91 -3.17
CA GLN A 165 -9.91 10.18 -3.86
C GLN A 165 -11.23 10.36 -4.60
N THR A 166 -12.01 9.30 -4.77
CA THR A 166 -13.26 9.35 -5.52
C THR A 166 -14.49 9.21 -4.64
N LEU A 167 -14.33 9.25 -3.31
CA LEU A 167 -15.48 9.09 -2.43
C LEU A 167 -16.41 10.29 -2.52
N ILE A 168 -15.85 11.49 -2.41
CA ILE A 168 -16.63 12.73 -2.27
C ILE A 168 -17.53 12.93 -3.49
N PRO A 169 -18.86 12.75 -3.37
CA PRO A 169 -19.78 13.12 -4.45
C PRO A 169 -20.33 14.54 -4.29
N ASP A 170 -19.43 15.50 -4.15
CA ASP A 170 -19.81 16.85 -3.74
C ASP A 170 -19.07 17.85 -4.62
N LYS A 171 -19.09 19.12 -4.20
CA LYS A 171 -18.58 20.21 -5.02
C LYS A 171 -17.16 19.95 -5.51
N ASP A 172 -16.29 19.46 -4.63
CA ASP A 172 -14.88 19.29 -4.98
C ASP A 172 -14.71 18.43 -6.22
N THR A 173 -15.10 17.15 -6.13
CA THR A 173 -14.88 16.24 -7.25
C THR A 173 -15.69 16.64 -8.47
N ARG A 174 -16.94 17.07 -8.26
CA ARG A 174 -17.79 17.43 -9.39
C ARG A 174 -17.20 18.58 -10.19
N GLU A 175 -16.71 19.61 -9.50
CA GLU A 175 -16.08 20.73 -10.19
C GLU A 175 -14.73 20.35 -10.78
N ASN A 176 -14.00 19.45 -10.10
CA ASN A 176 -12.74 18.99 -10.66
C ASN A 176 -12.95 18.29 -12.00
N LYS A 177 -13.98 17.45 -12.08
CA LYS A 177 -14.27 16.76 -13.34
C LYS A 177 -14.83 17.71 -14.40
N GLY A 178 -15.24 18.92 -14.01
CA GLY A 178 -15.87 19.86 -14.91
C GLY A 178 -15.21 19.97 -16.27
N GLN A 179 -13.92 20.26 -16.30
CA GLN A 179 -13.22 20.43 -17.57
C GLN A 179 -13.26 19.13 -18.37
N ARG A 180 -13.36 19.29 -19.69
CA ARG A 180 -13.33 18.14 -20.59
C ARG A 180 -11.89 17.74 -20.85
N LEU A 181 -11.60 16.45 -20.74
CA LEU A 181 -10.24 15.98 -20.84
C LEU A 181 -9.69 16.15 -22.25
N GLU A 182 -8.39 15.97 -22.38
CA GLU A 182 -7.69 16.13 -23.65
C GLU A 182 -6.48 15.22 -23.65
N PRO A 183 -5.81 15.10 -24.80
CA PRO A 183 -4.55 14.35 -24.83
C PRO A 183 -3.34 15.26 -24.65
N ILE A 184 -2.15 14.68 -24.55
CA ILE A 184 -0.92 15.47 -24.42
C ILE A 184 -0.81 16.36 -25.65
N PRO A 185 -0.67 17.69 -25.49
CA PRO A 185 -0.56 18.57 -26.67
C PRO A 185 0.42 18.06 -27.72
N HIS A 186 0.19 18.47 -28.97
CA HIS A 186 0.99 17.95 -30.09
C HIS A 186 2.47 18.21 -29.88
N ARG A 187 2.83 19.43 -29.49
CA ARG A 187 4.24 19.77 -29.30
C ARG A 187 4.86 18.98 -28.16
N ARG A 188 4.13 18.86 -27.04
CA ARG A 188 4.61 18.04 -25.93
C ARG A 188 4.79 16.59 -26.38
N LEU A 189 3.82 16.07 -27.13
CA LEU A 189 3.95 14.74 -27.70
C LEU A 189 5.22 14.64 -28.55
N ARG A 190 5.49 15.67 -29.34
CA ARG A 190 6.67 15.65 -30.21
C ARG A 190 7.93 15.52 -29.36
N MET A 191 8.05 16.36 -28.34
CA MET A 191 9.27 16.33 -27.53
C MET A 191 9.42 15.00 -26.82
N VAL A 192 8.32 14.44 -26.31
CA VAL A 192 8.43 13.17 -25.59
C VAL A 192 8.85 12.05 -26.55
N THR A 193 8.29 12.03 -27.77
CA THR A 193 8.75 11.03 -28.74
C THR A 193 10.23 11.23 -29.07
N ASN A 194 10.66 12.48 -29.21
CA ASN A 194 12.08 12.74 -29.36
C ASN A 194 12.85 12.06 -28.25
N THR A 195 12.42 12.28 -27.00
CA THR A 195 13.07 11.61 -25.88
C THR A 195 13.12 10.11 -26.07
N ILE A 196 12.02 9.53 -26.59
CA ILE A 196 12.02 8.10 -26.88
C ILE A 196 13.15 7.74 -27.84
N GLU A 197 13.38 8.59 -28.85
CA GLU A 197 14.26 8.20 -29.95
C GLU A 197 15.68 7.91 -29.47
N GLU A 198 16.22 8.74 -28.58
CA GLU A 198 17.62 8.61 -28.20
C GLU A 198 17.85 7.61 -27.07
N ASN A 199 16.92 6.68 -26.86
CA ASN A 199 17.10 5.58 -25.92
C ASN A 199 17.52 6.08 -24.54
N PHE A 200 16.91 7.19 -24.11
CA PHE A 200 17.14 7.73 -22.78
C PHE A 200 15.88 7.55 -21.95
N PRO A 201 15.62 6.35 -21.45
CA PRO A 201 14.34 6.09 -20.77
C PRO A 201 14.07 7.01 -19.59
N LEU A 202 15.12 7.34 -18.82
CA LEU A 202 14.93 8.15 -17.63
C LEU A 202 14.33 9.51 -18.01
N GLY A 203 14.84 10.12 -19.08
CA GLY A 203 14.25 11.36 -19.55
C GLY A 203 12.79 11.21 -19.93
N THR A 204 12.45 10.08 -20.58
CA THR A 204 11.07 9.85 -20.96
C THR A 204 10.17 9.82 -19.73
N VAL A 205 10.56 9.05 -18.71
CA VAL A 205 9.70 8.94 -17.53
C VAL A 205 9.58 10.29 -16.86
N GLN A 206 10.69 11.02 -16.72
CA GLN A 206 10.62 12.34 -16.09
C GLN A 206 9.68 13.26 -16.84
N PHE A 207 9.87 13.36 -18.16
CA PHE A 207 9.07 14.31 -18.94
C PHE A 207 7.60 13.94 -18.90
N LEU A 208 7.30 12.64 -19.01
CA LEU A 208 5.91 12.21 -18.91
C LEU A 208 5.34 12.57 -17.55
N MET A 209 6.13 12.37 -16.47
CA MET A 209 5.65 12.71 -15.14
C MET A 209 5.30 14.19 -15.05
N ASP A 210 6.15 15.05 -15.62
CA ASP A 210 5.86 16.48 -15.56
C ASP A 210 4.63 16.83 -16.40
N PHE A 211 4.43 16.16 -17.54
CA PHE A 211 3.36 16.56 -18.44
C PHE A 211 2.01 15.99 -18.06
N VAL A 212 1.95 14.77 -17.52
CA VAL A 212 0.66 14.18 -17.17
C VAL A 212 0.00 15.00 -16.09
N SER A 213 -1.28 15.32 -16.28
CA SER A 213 -1.99 16.25 -15.42
C SER A 213 -3.47 15.90 -15.44
N PRO A 214 -4.27 16.52 -14.57
CA PRO A 214 -5.70 16.19 -14.53
C PRO A 214 -6.46 16.59 -15.78
N GLN A 215 -5.91 17.46 -16.61
CA GLN A 215 -6.57 17.88 -17.84
C GLN A 215 -5.99 17.22 -19.07
N HIS A 216 -5.06 16.27 -18.92
CA HIS A 216 -4.44 15.61 -20.06
C HIS A 216 -4.08 14.18 -19.69
N TYR A 217 -3.97 13.34 -20.71
CA TYR A 217 -3.59 11.94 -20.55
C TYR A 217 -2.66 11.54 -21.67
N PRO A 218 -1.78 10.57 -21.44
CA PRO A 218 -0.90 10.09 -22.50
C PRO A 218 -1.67 9.25 -23.51
N PRO A 219 -1.37 9.37 -24.80
CA PRO A 219 -1.98 8.46 -25.77
C PRO A 219 -1.63 7.01 -25.48
N ARG A 220 -2.54 6.11 -25.87
CA ARG A 220 -2.37 4.69 -25.56
C ARG A 220 -1.00 4.19 -25.99
N GLU A 221 -0.51 4.66 -27.14
CA GLU A 221 0.79 4.22 -27.62
C GLU A 221 1.87 4.53 -26.59
N ILE A 222 1.77 5.69 -25.93
CA ILE A 222 2.76 6.06 -24.92
C ILE A 222 2.71 5.07 -23.76
N VAL A 223 1.50 4.71 -23.31
CA VAL A 223 1.38 3.76 -22.21
C VAL A 223 2.00 2.42 -22.60
N ALA A 224 1.70 1.95 -23.81
CA ALA A 224 2.29 0.70 -24.28
C ALA A 224 3.80 0.79 -24.31
N HIS A 225 4.34 1.91 -24.79
CA HIS A 225 5.79 2.09 -24.82
C HIS A 225 6.37 1.99 -23.41
N ILE A 226 5.83 2.74 -22.47
CA ILE A 226 6.40 2.77 -21.13
C ILE A 226 6.35 1.38 -20.51
N ILE A 227 5.24 0.66 -20.69
CA ILE A 227 5.11 -0.66 -20.09
C ILE A 227 6.05 -1.64 -20.76
N GLN A 228 5.82 -1.91 -22.05
CA GLN A 228 6.59 -2.94 -22.74
C GLN A 228 8.06 -2.55 -22.87
N LYS A 229 8.33 -1.32 -23.31
CA LYS A 229 9.70 -0.97 -23.71
C LYS A 229 10.62 -0.82 -22.50
N ILE A 230 10.13 -0.20 -21.43
CA ILE A 230 10.97 0.12 -20.27
C ILE A 230 10.67 -0.81 -19.08
N LEU A 231 9.42 -0.84 -18.63
CA LEU A 231 9.11 -1.58 -17.41
C LEU A 231 9.58 -3.02 -17.50
N LEU A 232 9.22 -3.72 -18.58
CA LEU A 232 9.63 -5.11 -18.76
C LEU A 232 10.94 -5.25 -19.53
N SER A 233 11.65 -4.16 -19.81
CA SER A 233 12.99 -4.29 -20.35
C SER A 233 13.90 -4.94 -19.32
N GLY A 234 14.72 -5.88 -19.76
CA GLY A 234 15.53 -6.68 -18.86
C GLY A 234 16.96 -6.20 -18.70
N SER A 235 17.22 -4.93 -19.02
CA SER A 235 18.58 -4.41 -19.03
C SER A 235 18.82 -3.29 -18.04
N GLU A 236 17.88 -2.34 -17.90
CA GLU A 236 18.14 -1.13 -17.15
C GLU A 236 18.18 -1.43 -15.65
N THR A 237 18.35 -0.37 -14.86
CA THR A 237 18.50 -0.47 -13.42
C THR A 237 17.16 -0.40 -12.71
N VAL A 238 17.18 -0.66 -11.40
CA VAL A 238 15.95 -0.75 -10.63
C VAL A 238 15.27 0.61 -10.52
N ASP A 239 16.05 1.67 -10.35
CA ASP A 239 15.47 3.01 -10.21
C ASP A 239 14.59 3.37 -11.40
N VAL A 240 14.95 2.90 -12.60
CA VAL A 240 14.10 3.13 -13.75
C VAL A 240 12.74 2.50 -13.53
N LEU A 241 12.71 1.28 -13.00
CA LEU A 241 11.45 0.62 -12.70
C LEU A 241 10.69 1.38 -11.62
N LYS A 242 11.41 1.88 -10.61
CA LYS A 242 10.80 2.76 -9.62
C LYS A 242 10.01 3.88 -10.29
N GLU A 243 10.70 4.68 -11.10
CA GLU A 243 10.06 5.83 -11.72
C GLU A 243 8.93 5.39 -12.63
N ALA A 244 9.11 4.28 -13.33
CA ALA A 244 8.03 3.77 -14.18
C ALA A 244 6.80 3.44 -13.36
N TYR A 245 6.99 2.79 -12.21
CA TYR A 245 5.87 2.44 -11.35
C TYR A 245 5.15 3.70 -10.87
N MET A 246 5.91 4.70 -10.42
CA MET A 246 5.28 5.95 -10.03
C MET A 246 4.49 6.54 -11.19
N LEU A 247 5.03 6.46 -12.41
CA LEU A 247 4.35 7.02 -13.56
C LEU A 247 3.02 6.32 -13.81
N LEU A 248 3.04 4.99 -13.85
CA LEU A 248 1.80 4.26 -14.08
C LEU A 248 0.79 4.53 -12.98
N MET A 249 1.25 4.58 -11.73
CA MET A 249 0.34 4.83 -10.63
C MET A 249 -0.29 6.21 -10.72
N LYS A 250 0.50 7.21 -11.12
CA LYS A 250 -0.06 8.54 -11.32
C LYS A 250 -1.12 8.52 -12.42
N ILE A 251 -0.81 7.85 -13.54
CA ILE A 251 -1.78 7.79 -14.63
C ILE A 251 -3.06 7.13 -14.16
N GLN A 252 -2.95 6.00 -13.48
CA GLN A 252 -4.13 5.27 -13.04
C GLN A 252 -4.92 6.06 -12.00
N GLN A 253 -4.22 6.74 -11.09
CA GLN A 253 -4.89 7.54 -10.08
C GLN A 253 -5.69 8.66 -10.72
N LEU A 254 -5.11 9.33 -11.72
CA LEU A 254 -5.78 10.49 -12.30
C LEU A 254 -6.80 10.09 -13.36
N HIS A 255 -6.49 9.08 -14.17
CA HIS A 255 -7.38 8.65 -15.25
C HIS A 255 -7.81 7.21 -15.02
N PRO A 256 -9.10 6.93 -14.81
CA PRO A 256 -9.54 5.54 -14.59
C PRO A 256 -9.55 4.75 -15.89
N ALA A 257 -8.60 3.83 -16.01
CA ALA A 257 -8.53 3.01 -17.21
C ALA A 257 -9.80 2.18 -17.38
N ASN A 258 -10.31 2.13 -18.60
CA ASN A 258 -11.49 1.36 -18.94
C ASN A 258 -11.11 0.29 -19.98
N ALA A 259 -12.13 -0.42 -20.47
CA ALA A 259 -11.88 -1.49 -21.43
C ALA A 259 -11.26 -0.97 -22.71
N LYS A 260 -11.77 0.16 -23.22
CA LYS A 260 -11.32 0.72 -24.47
C LYS A 260 -9.98 1.42 -24.38
N THR A 261 -9.30 1.35 -23.23
CA THR A 261 -8.04 2.05 -23.05
C THR A 261 -6.96 1.19 -22.41
N VAL A 262 -7.27 -0.03 -21.97
CA VAL A 262 -6.24 -0.85 -21.34
C VAL A 262 -5.08 -1.05 -22.31
N GLU A 263 -3.91 -1.32 -21.75
CA GLU A 263 -2.69 -1.50 -22.52
C GLU A 263 -2.30 -2.96 -22.67
N TRP A 264 -2.14 -3.67 -21.56
CA TRP A 264 -1.67 -5.04 -21.63
C TRP A 264 -2.75 -5.97 -22.16
N ASP A 265 -2.32 -7.16 -22.58
CA ASP A 265 -3.21 -8.21 -23.03
C ASP A 265 -2.75 -9.53 -22.41
N TRP A 266 -3.70 -10.48 -22.30
CA TRP A 266 -3.39 -11.72 -21.62
C TRP A 266 -2.16 -12.41 -22.19
N LYS A 267 -1.91 -12.22 -23.49
CA LYS A 267 -0.70 -12.78 -24.09
C LYS A 267 0.55 -12.26 -23.40
N LEU A 268 0.59 -10.95 -23.13
CA LEU A 268 1.75 -10.37 -22.47
C LEU A 268 1.90 -10.91 -21.05
N LEU A 269 0.80 -11.02 -20.32
CA LEU A 269 0.85 -11.60 -18.97
C LEU A 269 1.40 -13.02 -19.03
N THR A 270 0.91 -13.81 -19.98
CA THR A 270 1.41 -15.18 -20.13
C THR A 270 2.89 -15.18 -20.44
N TYR A 271 3.34 -14.28 -21.32
CA TYR A 271 4.75 -14.20 -21.63
C TYR A 271 5.57 -13.93 -20.38
N VAL A 272 5.18 -12.92 -19.61
CA VAL A 272 5.99 -12.52 -18.47
C VAL A 272 6.01 -13.64 -17.41
N MET A 273 4.89 -14.34 -17.25
CA MET A 273 4.78 -15.30 -16.16
C MET A 273 5.32 -16.68 -16.54
N GLU A 274 4.76 -17.29 -17.59
CA GLU A 274 5.01 -18.70 -17.88
C GLU A 274 6.35 -18.93 -18.59
N GLU A 275 6.73 -18.05 -19.50
CA GLU A 275 7.90 -18.30 -20.33
C GLU A 275 9.18 -18.18 -19.52
N GLU A 276 9.45 -19.19 -18.68
CA GLU A 276 10.64 -19.18 -17.86
C GLU A 276 11.89 -19.04 -18.74
N GLY A 277 13.02 -18.83 -18.07
CA GLY A 277 14.22 -18.36 -18.74
C GLY A 277 14.31 -16.85 -18.85
N GLN A 278 13.30 -16.13 -18.38
CA GLN A 278 13.30 -14.68 -18.33
C GLN A 278 13.00 -14.27 -16.89
N THR A 279 14.04 -13.85 -16.18
CA THR A 279 13.90 -13.37 -14.80
C THR A 279 13.84 -11.84 -14.84
N LEU A 280 12.67 -11.33 -15.19
CA LEU A 280 12.48 -9.89 -15.33
C LEU A 280 12.32 -9.25 -13.96
N PRO A 281 13.19 -8.34 -13.54
CA PRO A 281 13.01 -7.71 -12.23
C PRO A 281 11.71 -6.95 -12.09
N GLY A 282 11.13 -6.50 -13.19
CA GLY A 282 9.87 -5.78 -13.15
C GLY A 282 8.63 -6.62 -13.12
N ARG A 283 8.76 -7.94 -13.02
CA ARG A 283 7.60 -8.82 -13.09
C ARG A 283 6.62 -8.52 -11.96
N VAL A 284 7.13 -8.37 -10.73
CA VAL A 284 6.25 -8.15 -9.59
C VAL A 284 5.45 -6.86 -9.78
N LEU A 285 6.11 -5.79 -10.21
CA LEU A 285 5.41 -4.53 -10.41
C LEU A 285 4.39 -4.65 -11.53
N PHE A 286 4.72 -5.41 -12.58
CA PHE A 286 3.76 -5.64 -13.66
C PHE A 286 2.51 -6.32 -13.12
N LEU A 287 2.69 -7.36 -12.31
CA LEU A 287 1.54 -8.05 -11.74
C LEU A 287 0.72 -7.13 -10.85
N ARG A 288 1.40 -6.30 -10.05
CA ARG A 288 0.69 -5.36 -9.19
C ARG A 288 -0.13 -4.39 -10.02
N TYR A 289 0.44 -3.88 -11.11
CA TYR A 289 -0.30 -2.99 -12.00
C TYR A 289 -1.52 -3.69 -12.59
N VAL A 290 -1.34 -4.94 -13.01
CA VAL A 290 -2.45 -5.68 -13.61
C VAL A 290 -3.59 -5.80 -12.60
N VAL A 291 -3.27 -6.26 -11.38
CA VAL A 291 -4.33 -6.48 -10.40
C VAL A 291 -5.00 -5.18 -10.01
N GLN A 292 -4.22 -4.10 -9.88
CA GLN A 292 -4.80 -2.80 -9.56
C GLN A 292 -5.77 -2.36 -10.66
N THR A 293 -5.38 -2.54 -11.92
CA THR A 293 -6.26 -2.19 -13.03
C THR A 293 -7.55 -2.99 -12.96
N LEU A 294 -7.44 -4.30 -12.73
CA LEU A 294 -8.64 -5.13 -12.66
C LEU A 294 -9.57 -4.65 -11.55
N GLU A 295 -9.01 -4.39 -10.37
CA GLU A 295 -9.84 -4.00 -9.23
C GLU A 295 -10.52 -2.66 -9.51
N ASP A 296 -9.77 -1.69 -10.03
CA ASP A 296 -10.37 -0.39 -10.31
C ASP A 296 -11.49 -0.53 -11.32
N ASP A 297 -11.26 -1.28 -12.40
CA ASP A 297 -12.28 -1.45 -13.42
C ASP A 297 -13.52 -2.11 -12.86
N PHE A 298 -13.33 -3.16 -12.04
CA PHE A 298 -14.48 -3.83 -11.46
C PHE A 298 -15.29 -2.87 -10.61
N GLN A 299 -14.62 -2.12 -9.73
CA GLN A 299 -15.36 -1.20 -8.86
C GLN A 299 -16.11 -0.16 -9.69
N GLN A 300 -15.44 0.43 -10.68
CA GLN A 300 -16.07 1.49 -11.47
C GLN A 300 -17.27 0.95 -12.23
N THR A 301 -17.12 -0.20 -12.88
CA THR A 301 -18.23 -0.77 -13.64
C THR A 301 -19.38 -1.15 -12.72
N LEU A 302 -19.08 -1.72 -11.55
CA LEU A 302 -20.13 -2.07 -10.61
C LEU A 302 -20.91 -0.84 -10.18
N ARG A 303 -20.21 0.25 -9.91
CA ARG A 303 -20.91 1.49 -9.55
C ARG A 303 -21.77 1.99 -10.69
N ARG A 304 -21.19 2.15 -11.88
CA ARG A 304 -21.89 2.82 -12.97
C ARG A 304 -23.07 1.99 -13.47
N GLN A 305 -22.84 0.73 -13.77
CA GLN A 305 -23.82 -0.10 -14.47
C GLN A 305 -24.77 -0.73 -13.46
N ARG A 306 -26.07 -0.50 -13.64
CA ARG A 306 -27.09 -1.02 -12.74
C ARG A 306 -27.68 -2.34 -13.21
N GLN A 307 -27.52 -2.71 -14.48
CA GLN A 307 -28.13 -3.93 -15.00
C GLN A 307 -27.23 -4.75 -15.91
N HIS A 308 -25.93 -4.46 -15.97
CA HIS A 308 -25.03 -5.21 -16.84
C HIS A 308 -23.60 -4.97 -16.41
N LEU A 309 -22.70 -5.79 -16.96
CA LEU A 309 -21.26 -5.62 -16.78
C LEU A 309 -20.51 -5.88 -18.08
N GLN A 310 -21.14 -5.55 -19.22
CA GLN A 310 -20.56 -5.87 -20.53
C GLN A 310 -19.33 -5.05 -20.86
N GLN A 311 -19.01 -4.01 -20.08
CA GLN A 311 -17.93 -3.11 -20.43
C GLN A 311 -16.85 -3.07 -19.34
N SER A 312 -16.44 -4.24 -18.86
CA SER A 312 -15.42 -4.33 -17.83
C SER A 312 -14.27 -5.20 -18.30
N ILE A 313 -13.06 -4.88 -17.83
CA ILE A 313 -11.88 -5.64 -18.21
C ILE A 313 -12.00 -7.08 -17.71
N ALA A 314 -12.45 -7.26 -16.47
CA ALA A 314 -12.61 -8.60 -15.93
C ALA A 314 -13.57 -9.42 -16.77
N ASN A 315 -14.68 -8.81 -17.20
CA ASN A 315 -15.65 -9.53 -18.01
C ASN A 315 -15.00 -10.15 -19.25
N MET A 316 -14.09 -9.42 -19.89
CA MET A 316 -13.54 -9.83 -21.17
C MET A 316 -12.13 -10.39 -21.08
N VAL A 317 -11.60 -10.59 -19.86
CA VAL A 317 -10.28 -11.22 -19.73
C VAL A 317 -10.27 -12.33 -18.70
N LEU A 318 -11.34 -12.47 -17.91
CA LEU A 318 -11.32 -13.43 -16.81
C LEU A 318 -12.64 -14.16 -16.61
N SER A 319 -13.63 -14.00 -17.49
CA SER A 319 -14.90 -14.70 -17.32
C SER A 319 -14.69 -16.19 -17.55
N CYS A 320 -15.15 -17.01 -16.61
CA CYS A 320 -14.91 -18.45 -16.69
C CYS A 320 -15.60 -19.06 -17.90
N ASP A 321 -16.82 -18.62 -18.20
CA ASP A 321 -17.56 -19.17 -19.33
C ASP A 321 -16.79 -18.98 -20.64
N LYS A 322 -16.17 -17.82 -20.81
CA LYS A 322 -15.60 -17.47 -22.11
C LYS A 322 -14.12 -17.80 -22.22
N GLN A 323 -13.34 -17.58 -21.16
CA GLN A 323 -11.90 -17.87 -21.17
C GLN A 323 -11.54 -18.79 -20.02
N PRO A 324 -12.17 -19.96 -19.94
CA PRO A 324 -11.83 -20.90 -18.86
C PRO A 324 -10.38 -21.33 -18.89
N HIS A 325 -9.76 -21.40 -20.07
CA HIS A 325 -8.36 -21.79 -20.13
C HIS A 325 -7.49 -20.80 -19.37
N ASN A 326 -7.86 -19.51 -19.38
CA ASN A 326 -7.14 -18.53 -18.60
C ASN A 326 -7.23 -18.83 -17.11
N VAL A 327 -8.42 -19.21 -16.65
CA VAL A 327 -8.59 -19.59 -15.25
C VAL A 327 -7.71 -20.79 -14.92
N ARG A 328 -7.68 -21.78 -15.80
CA ARG A 328 -6.81 -22.93 -15.60
C ARG A 328 -5.35 -22.49 -15.49
N ASP A 329 -4.93 -21.57 -16.37
CA ASP A 329 -3.54 -21.12 -16.36
C ASP A 329 -3.20 -20.40 -15.06
N VAL A 330 -4.11 -19.57 -14.57
CA VAL A 330 -3.82 -18.84 -13.34
C VAL A 330 -3.77 -19.80 -12.16
N ILE A 331 -4.65 -20.81 -12.13
CA ILE A 331 -4.57 -21.81 -11.08
C ILE A 331 -3.24 -22.55 -11.15
N LYS A 332 -2.80 -22.88 -12.36
CA LYS A 332 -1.52 -23.55 -12.52
C LYS A 332 -0.38 -22.68 -12.01
N TRP A 333 -0.42 -21.38 -12.33
CA TRP A 333 0.61 -20.48 -11.83
C TRP A 333 0.60 -20.43 -10.31
N LEU A 334 -0.60 -20.40 -9.72
CA LEU A 334 -0.70 -20.35 -8.26
C LEU A 334 -0.10 -21.58 -7.62
N VAL A 335 -0.45 -22.76 -8.13
CA VAL A 335 0.10 -23.98 -7.53
C VAL A 335 1.60 -24.06 -7.77
N LYS A 336 2.07 -23.57 -8.91
CA LYS A 336 3.51 -23.50 -9.14
C LYS A 336 4.18 -22.64 -8.11
N ALA A 337 3.68 -21.41 -7.92
CA ALA A 337 4.31 -20.49 -6.98
C ALA A 337 4.32 -21.06 -5.57
N VAL A 338 3.20 -21.63 -5.13
CA VAL A 338 3.16 -22.24 -3.81
C VAL A 338 4.19 -23.35 -3.71
N THR A 339 4.26 -24.20 -4.74
CA THR A 339 5.18 -25.32 -4.72
C THR A 339 6.65 -24.87 -4.77
N GLU A 340 6.92 -23.65 -5.21
CA GLU A 340 8.30 -23.19 -5.29
C GLU A 340 8.96 -23.30 -3.92
N ASP A 341 10.02 -24.10 -3.84
CA ASP A 341 10.67 -24.36 -2.58
C ASP A 341 11.31 -23.07 -2.05
N GLY A 342 11.88 -23.17 -0.85
CA GLY A 342 12.47 -22.03 -0.18
C GLY A 342 12.26 -22.11 1.32
N LEU A 343 11.29 -22.91 1.74
CA LEU A 343 11.03 -23.19 3.15
C LEU A 343 11.54 -24.59 3.46
N THR A 344 12.37 -24.70 4.50
CA THR A 344 12.92 -25.99 4.91
C THR A 344 13.49 -25.83 6.31
N GLN A 345 13.02 -26.64 7.24
CA GLN A 345 13.44 -26.55 8.64
C GLN A 345 13.18 -25.15 9.18
N ASN A 371 15.29 -15.59 1.52
CA ASN A 371 14.23 -15.03 2.36
C ASN A 371 13.55 -13.86 1.67
N LEU A 372 14.35 -13.03 0.98
CA LEU A 372 13.78 -11.87 0.31
C LEU A 372 12.83 -12.30 -0.81
N THR A 373 13.20 -13.31 -1.60
CA THR A 373 12.34 -13.78 -2.67
C THR A 373 11.10 -14.49 -2.12
N LYS A 374 11.17 -15.00 -0.89
CA LYS A 374 9.97 -15.57 -0.27
C LYS A 374 8.85 -14.54 -0.25
N ASN A 375 9.17 -13.30 0.10
CA ASN A 375 8.16 -12.25 0.09
C ASN A 375 7.62 -12.02 -1.31
N THR A 376 8.49 -12.12 -2.32
CA THR A 376 8.03 -11.98 -3.70
C THR A 376 7.00 -13.04 -4.03
N ASN A 377 7.29 -14.31 -3.69
CA ASN A 377 6.32 -15.36 -3.96
C ASN A 377 5.03 -15.11 -3.18
N GLN A 378 5.14 -14.67 -1.93
CA GLN A 378 3.94 -14.41 -1.13
C GLN A 378 3.06 -13.34 -1.78
N LEU A 379 3.68 -12.24 -2.22
CA LEU A 379 2.89 -11.17 -2.83
C LEU A 379 2.25 -11.61 -4.13
N ILE A 380 3.01 -12.31 -4.99
CA ILE A 380 2.42 -12.76 -6.24
C ILE A 380 1.28 -13.73 -5.96
N VAL A 381 1.43 -14.58 -4.93
CA VAL A 381 0.38 -15.53 -4.59
C VAL A 381 -0.87 -14.79 -4.15
N CYS A 382 -0.71 -13.75 -3.31
CA CYS A 382 -1.85 -12.96 -2.91
C CYS A 382 -2.52 -12.33 -4.13
N GLN A 383 -1.73 -11.86 -5.08
CA GLN A 383 -2.30 -11.28 -6.29
C GLN A 383 -3.11 -12.31 -7.08
N LEU A 384 -2.56 -13.51 -7.24
CA LEU A 384 -3.30 -14.57 -7.95
C LEU A 384 -4.59 -14.90 -7.23
N GLN A 385 -4.55 -14.98 -5.90
CA GLN A 385 -5.77 -15.21 -5.14
C GLN A 385 -6.78 -14.11 -5.37
N ARG A 386 -6.32 -12.87 -5.48
CA ARG A 386 -7.22 -11.77 -5.78
C ARG A 386 -7.87 -11.95 -7.15
N MET A 387 -7.09 -12.36 -8.14
CA MET A 387 -7.66 -12.59 -9.47
C MET A 387 -8.70 -13.71 -9.42
N LEU A 388 -8.41 -14.78 -8.69
CA LEU A 388 -9.39 -15.86 -8.56
C LEU A 388 -10.67 -15.34 -7.89
N SER A 389 -10.51 -14.54 -6.83
CA SER A 389 -11.68 -14.02 -6.13
C SER A 389 -12.54 -13.17 -7.05
N ILE A 390 -11.91 -12.27 -7.81
CA ILE A 390 -12.70 -11.45 -8.74
C ILE A 390 -13.37 -12.33 -9.78
N ALA A 391 -12.63 -13.30 -10.33
CA ALA A 391 -13.19 -14.22 -11.29
C ALA A 391 -14.47 -14.86 -10.76
N VAL A 392 -14.46 -15.26 -9.48
CA VAL A 392 -15.61 -15.95 -8.93
C VAL A 392 -16.84 -15.05 -8.95
N GLU A 393 -16.66 -13.73 -9.02
CA GLU A 393 -17.78 -12.79 -9.05
C GLU A 393 -18.08 -12.20 -10.43
N VAL A 394 -17.17 -12.31 -11.39
CA VAL A 394 -17.34 -11.56 -12.64
C VAL A 394 -18.69 -11.87 -13.27
N ASP A 395 -19.08 -13.14 -13.32
CA ASP A 395 -20.34 -13.51 -13.94
C ASP A 395 -21.49 -13.18 -13.01
N ARG A 396 -22.71 -13.53 -13.45
CA ARG A 396 -23.90 -13.20 -12.68
C ARG A 396 -24.05 -14.10 -11.47
N THR A 397 -23.81 -15.39 -11.64
CA THR A 397 -24.07 -16.37 -10.58
C THR A 397 -22.77 -16.83 -9.97
N PRO A 398 -22.48 -16.49 -8.70
CA PRO A 398 -21.25 -17.00 -8.08
C PRO A 398 -21.21 -18.52 -7.95
N THR A 399 -22.36 -19.16 -7.78
CA THR A 399 -22.38 -20.58 -7.41
C THR A 399 -21.77 -21.45 -8.50
N CYS A 400 -22.25 -21.29 -9.74
CA CYS A 400 -21.78 -22.15 -10.82
C CYS A 400 -20.29 -21.93 -11.08
N SER A 401 -19.85 -20.67 -11.10
CA SER A 401 -18.45 -20.38 -11.31
C SER A 401 -17.59 -20.98 -10.21
N SER A 402 -18.04 -20.86 -8.95
CA SER A 402 -17.31 -21.45 -7.84
C SER A 402 -17.20 -22.95 -8.01
N ASN A 403 -18.28 -23.61 -8.41
CA ASN A 403 -18.24 -25.05 -8.62
C ASN A 403 -17.23 -25.40 -9.70
N LYS A 404 -17.30 -24.71 -10.84
CA LYS A 404 -16.37 -24.99 -11.94
C LYS A 404 -14.93 -24.85 -11.45
N ILE A 405 -14.62 -23.74 -10.80
CA ILE A 405 -13.26 -23.48 -10.35
C ILE A 405 -12.82 -24.56 -9.37
N ALA A 406 -13.69 -24.91 -8.42
CA ALA A 406 -13.34 -25.91 -7.42
C ALA A 406 -12.99 -27.23 -8.07
N GLU A 407 -13.80 -27.68 -9.03
CA GLU A 407 -13.48 -28.95 -9.69
C GLU A 407 -12.18 -28.86 -10.47
N MET A 408 -11.90 -27.71 -11.12
CA MET A 408 -10.62 -27.65 -11.83
C MET A 408 -9.43 -27.66 -10.88
N MET A 409 -9.57 -27.11 -9.66
CA MET A 409 -8.41 -27.06 -8.77
C MET A 409 -8.30 -28.28 -7.87
N PHE A 410 -9.35 -29.11 -7.79
CA PHE A 410 -9.31 -30.26 -6.90
C PHE A 410 -8.11 -31.15 -7.19
N GLY A 411 -7.97 -31.58 -8.45
CA GLY A 411 -6.86 -32.46 -8.79
C GLY A 411 -5.52 -31.82 -8.50
N PHE A 412 -5.37 -30.54 -8.83
CA PHE A 412 -4.10 -29.86 -8.62
C PHE A 412 -3.75 -29.83 -7.13
N VAL A 413 -4.71 -29.50 -6.28
CA VAL A 413 -4.41 -29.47 -4.85
C VAL A 413 -4.13 -30.88 -4.34
N LEU A 414 -4.71 -31.89 -4.99
CA LEU A 414 -4.55 -33.26 -4.48
C LEU A 414 -3.08 -33.66 -4.41
N ASP A 415 -2.31 -33.35 -5.45
CA ASP A 415 -0.96 -33.90 -5.60
C ASP A 415 0.12 -33.01 -4.98
N ILE A 416 -0.25 -31.95 -4.26
CA ILE A 416 0.78 -31.12 -3.63
C ILE A 416 1.60 -31.99 -2.69
N PRO A 417 2.94 -31.96 -2.78
CA PRO A 417 3.75 -32.98 -2.08
C PRO A 417 3.72 -32.86 -0.56
N GLU A 418 3.99 -31.68 -0.04
CA GLU A 418 4.18 -31.48 1.39
C GLU A 418 2.99 -30.76 2.01
N ARG A 419 3.03 -30.62 3.33
CA ARG A 419 1.88 -30.12 4.08
C ARG A 419 1.88 -28.60 4.15
N SER A 420 3.02 -28.01 4.51
CA SER A 420 3.07 -26.55 4.68
C SER A 420 2.59 -25.83 3.43
N GLN A 421 2.88 -26.39 2.25
CA GLN A 421 2.37 -25.81 1.02
C GLN A 421 0.85 -25.83 0.99
N ARG A 422 0.24 -26.94 1.41
CA ARG A 422 -1.21 -27.00 1.46
C ARG A 422 -1.77 -25.99 2.46
N GLU A 423 -1.09 -25.85 3.61
CA GLU A 423 -1.54 -24.89 4.61
C GLU A 423 -1.49 -23.48 4.04
N MET A 424 -0.42 -23.13 3.33
CA MET A 424 -0.33 -21.83 2.70
C MET A 424 -1.44 -21.67 1.65
N PHE A 425 -1.68 -22.71 0.87
CA PHE A 425 -2.73 -22.66 -0.15
C PHE A 425 -4.07 -22.33 0.48
N PHE A 426 -4.42 -23.03 1.56
CA PHE A 426 -5.74 -22.84 2.17
C PHE A 426 -5.83 -21.51 2.92
N THR A 427 -4.77 -21.15 3.64
CA THR A 427 -4.81 -19.93 4.45
C THR A 427 -5.01 -18.70 3.57
N THR A 428 -4.28 -18.63 2.45
CA THR A 428 -4.34 -17.46 1.59
C THR A 428 -5.65 -17.36 0.82
N MET A 429 -6.49 -18.38 0.86
CA MET A 429 -7.73 -18.36 0.08
C MET A 429 -8.52 -17.11 0.41
N GLU A 430 -8.97 -16.42 -0.64
CA GLU A 430 -9.71 -15.17 -0.50
C GLU A 430 -11.21 -15.38 -0.67
N SER A 431 -11.62 -15.94 -1.81
CA SER A 431 -13.03 -16.24 -2.03
C SER A 431 -13.50 -17.28 -1.03
N HIS A 432 -14.39 -16.88 -0.12
CA HIS A 432 -14.85 -17.80 0.91
C HIS A 432 -15.59 -18.98 0.31
N LEU A 433 -16.47 -18.71 -0.67
CA LEU A 433 -17.21 -19.80 -1.31
C LEU A 433 -16.26 -20.78 -1.97
N LEU A 434 -15.20 -20.29 -2.59
CA LEU A 434 -14.27 -21.18 -3.26
C LEU A 434 -13.63 -22.15 -2.28
N ARG A 435 -13.18 -21.64 -1.12
CA ARG A 435 -12.59 -22.52 -0.11
C ARG A 435 -13.63 -23.49 0.43
N CYS A 436 -14.85 -23.02 0.67
CA CYS A 436 -15.91 -23.91 1.13
C CYS A 436 -16.10 -25.06 0.15
N LYS A 437 -16.22 -24.75 -1.14
CA LYS A 437 -16.45 -25.80 -2.13
C LYS A 437 -15.26 -26.74 -2.22
N VAL A 438 -14.04 -26.21 -2.19
CA VAL A 438 -12.86 -27.07 -2.27
C VAL A 438 -12.84 -28.05 -1.10
N LEU A 439 -13.06 -27.54 0.11
CA LEU A 439 -13.05 -28.41 1.28
C LEU A 439 -14.17 -29.44 1.21
N GLU A 440 -15.37 -29.01 0.79
CA GLU A 440 -16.48 -29.95 0.70
C GLU A 440 -16.17 -31.07 -0.29
N ILE A 441 -15.63 -30.71 -1.46
CA ILE A 441 -15.34 -31.70 -2.48
C ILE A 441 -14.29 -32.68 -1.98
N ILE A 442 -13.21 -32.18 -1.38
CA ILE A 442 -12.16 -33.09 -0.92
C ILE A 442 -12.69 -33.99 0.19
N PHE A 443 -13.49 -33.43 1.11
CA PHE A 443 -14.04 -34.25 2.19
C PHE A 443 -14.92 -35.36 1.64
N LEU A 444 -15.85 -35.01 0.75
CA LEU A 444 -16.71 -36.03 0.16
C LEU A 444 -15.89 -37.09 -0.56
N HIS A 445 -14.86 -36.66 -1.31
CA HIS A 445 -14.01 -37.62 -2.00
C HIS A 445 -13.25 -38.50 -1.02
N SER A 446 -13.07 -38.05 0.22
CA SER A 446 -12.32 -38.79 1.22
C SER A 446 -13.20 -39.64 2.13
N CYS A 447 -14.51 -39.68 1.90
CA CYS A 447 -15.44 -40.40 2.78
C CYS A 447 -15.99 -41.62 2.07
N GLU A 448 -16.05 -42.74 2.79
CA GLU A 448 -16.54 -43.99 2.20
C GLU A 448 -18.00 -43.88 1.80
N THR A 449 -18.85 -43.47 2.73
CA THR A 449 -20.28 -43.41 2.47
C THR A 449 -20.66 -42.00 2.05
N PRO A 450 -21.16 -41.78 0.84
CA PRO A 450 -21.51 -40.41 0.43
C PRO A 450 -22.66 -39.86 1.26
N THR A 451 -22.75 -38.53 1.29
CA THR A 451 -23.76 -37.82 2.07
C THR A 451 -24.58 -36.94 1.15
N ARG A 452 -25.91 -37.05 1.23
CA ARG A 452 -26.81 -36.26 0.42
C ARG A 452 -27.27 -34.99 1.12
N LEU A 453 -26.88 -34.78 2.37
CA LEU A 453 -27.32 -33.59 3.09
C LEU A 453 -26.63 -32.35 2.51
N PRO A 454 -27.36 -31.23 2.36
CA PRO A 454 -26.73 -30.02 1.83
C PRO A 454 -25.67 -29.46 2.77
N LEU A 455 -25.00 -28.40 2.35
CA LEU A 455 -23.96 -27.79 3.16
C LEU A 455 -24.58 -27.08 4.36
N SER A 456 -24.14 -27.45 5.56
CA SER A 456 -24.64 -26.84 6.80
C SER A 456 -23.82 -27.41 7.94
N LEU A 457 -24.14 -26.96 9.16
CA LEU A 457 -23.46 -27.50 10.34
C LEU A 457 -23.68 -29.01 10.46
N ALA A 458 -24.91 -29.46 10.18
CA ALA A 458 -25.17 -30.89 10.14
C ALA A 458 -24.19 -31.60 9.21
N GLN A 459 -23.93 -31.01 8.04
CA GLN A 459 -22.95 -31.58 7.14
C GLN A 459 -21.54 -31.53 7.72
N ALA A 460 -21.23 -30.48 8.47
CA ALA A 460 -19.93 -30.40 9.11
C ALA A 460 -19.73 -31.59 10.06
N LEU A 461 -20.74 -31.88 10.87
CA LEU A 461 -20.67 -33.05 11.75
C LEU A 461 -20.66 -34.34 10.93
N TYR A 462 -21.40 -34.38 9.83
CA TYR A 462 -21.37 -35.54 8.95
C TYR A 462 -19.96 -35.87 8.52
N PHE A 463 -19.23 -34.87 8.01
CA PHE A 463 -17.84 -35.07 7.65
C PHE A 463 -17.01 -35.43 8.87
N LEU A 464 -17.23 -34.74 9.99
CA LEU A 464 -16.47 -35.01 11.19
C LEU A 464 -16.54 -36.47 11.56
N ASN A 465 -17.72 -37.07 11.41
CA ASN A 465 -17.90 -38.47 11.82
C ASN A 465 -17.35 -39.43 10.77
N ASN A 466 -17.80 -39.30 9.51
CA ASN A 466 -17.57 -40.34 8.52
C ASN A 466 -16.30 -40.13 7.69
N SER A 467 -15.54 -39.07 7.95
CA SER A 467 -14.32 -38.85 7.20
C SER A 467 -13.22 -39.81 7.67
N THR A 468 -12.16 -39.89 6.87
CA THR A 468 -10.98 -40.68 7.20
C THR A 468 -9.77 -39.99 6.60
N SER A 469 -8.63 -40.67 6.65
CA SER A 469 -7.37 -40.12 6.14
C SER A 469 -7.25 -40.42 4.65
N LEU A 470 -7.04 -39.37 3.85
CA LEU A 470 -6.85 -39.53 2.41
C LEU A 470 -5.38 -39.39 2.05
N LYS A 477 5.05 -40.39 7.81
CA LYS A 477 4.31 -39.43 8.62
C LYS A 477 3.28 -40.13 9.49
N SER A 478 3.48 -40.08 10.81
CA SER A 478 2.52 -40.66 11.73
C SER A 478 1.16 -40.02 11.55
N GLN A 479 0.11 -40.84 11.63
CA GLN A 479 -1.21 -40.39 11.23
C GLN A 479 -1.71 -39.20 12.04
N TRP A 480 -1.17 -38.96 13.23
CA TRP A 480 -1.64 -37.82 14.02
C TRP A 480 -1.47 -36.51 13.27
N GLN A 481 -0.43 -36.40 12.45
CA GLN A 481 -0.27 -35.21 11.62
C GLN A 481 -1.44 -35.09 10.64
N THR A 482 -1.83 -36.20 10.03
CA THR A 482 -2.96 -36.16 9.10
C THR A 482 -4.24 -35.75 9.80
N TRP A 483 -4.49 -36.31 10.98
CA TRP A 483 -5.68 -35.94 11.73
C TRP A 483 -5.66 -34.46 12.09
N ASP A 484 -4.50 -33.97 12.52
CA ASP A 484 -4.31 -32.54 12.74
C ASP A 484 -4.72 -31.75 11.50
N GLU A 485 -4.25 -32.18 10.33
CA GLU A 485 -4.58 -31.47 9.10
C GLU A 485 -6.08 -31.43 8.88
N LEU A 486 -6.76 -32.58 9.09
CA LEU A 486 -8.21 -32.58 8.92
C LEU A 486 -8.89 -31.65 9.90
N VAL A 487 -8.38 -31.58 11.14
CA VAL A 487 -8.95 -30.66 12.11
C VAL A 487 -8.89 -29.23 11.57
N GLU A 488 -7.72 -28.83 11.06
CA GLU A 488 -7.59 -27.48 10.52
C GLU A 488 -8.52 -27.28 9.34
N ARG A 489 -8.67 -28.28 8.48
CA ARG A 489 -9.59 -28.16 7.35
C ARG A 489 -11.01 -27.91 7.84
N LEU A 490 -11.44 -28.62 8.87
CA LEU A 490 -12.79 -28.42 9.40
C LEU A 490 -12.95 -27.02 10.00
N GLN A 491 -11.94 -26.52 10.69
CA GLN A 491 -12.06 -25.16 11.21
C GLN A 491 -12.18 -24.15 10.07
N PHE A 492 -11.36 -24.30 9.02
CA PHE A 492 -11.50 -23.45 7.85
C PHE A 492 -12.91 -23.54 7.29
N LEU A 493 -13.45 -24.75 7.20
CA LEU A 493 -14.78 -24.94 6.64
C LEU A 493 -15.82 -24.21 7.47
N LEU A 494 -15.74 -24.31 8.80
CA LEU A 494 -16.72 -23.65 9.65
C LEU A 494 -16.62 -22.14 9.52
N SER A 495 -15.39 -21.61 9.51
CA SER A 495 -15.22 -20.16 9.34
C SER A 495 -15.84 -19.70 8.03
N SER A 496 -15.51 -20.37 6.93
CA SER A 496 -16.04 -19.97 5.64
C SER A 496 -17.55 -20.12 5.59
N TYR A 497 -18.09 -21.13 6.26
CA TYR A 497 -19.54 -21.31 6.29
C TYR A 497 -20.20 -20.13 6.98
N GLN A 498 -19.69 -19.76 8.15
CA GLN A 498 -20.22 -18.58 8.83
C GLN A 498 -20.16 -17.36 7.92
N HIS A 499 -19.03 -17.18 7.24
CA HIS A 499 -18.86 -16.00 6.41
C HIS A 499 -19.88 -15.98 5.26
N VAL A 500 -20.05 -17.12 4.58
CA VAL A 500 -21.01 -17.16 3.48
C VAL A 500 -22.42 -16.90 3.99
N LEU A 501 -22.77 -17.51 5.13
CA LEU A 501 -24.12 -17.32 5.66
C LEU A 501 -24.38 -15.86 5.98
N ARG A 502 -23.40 -15.17 6.58
CA ARG A 502 -23.64 -13.78 6.97
C ARG A 502 -23.59 -12.83 5.78
N GLU A 503 -22.71 -13.10 4.81
CA GLU A 503 -22.50 -12.15 3.71
C GLU A 503 -23.48 -12.33 2.56
N HIS A 504 -24.25 -13.41 2.52
CA HIS A 504 -25.16 -13.68 1.41
C HIS A 504 -24.41 -13.70 0.09
N LEU A 505 -23.23 -14.33 0.09
CA LEU A 505 -22.41 -14.37 -1.11
C LEU A 505 -23.10 -15.11 -2.26
N ARG A 506 -24.12 -15.91 -1.95
CA ARG A 506 -24.75 -16.72 -2.99
C ARG A 506 -25.35 -15.86 -4.10
N SER A 507 -26.02 -14.77 -3.72
CA SER A 507 -26.63 -13.90 -4.72
C SER A 507 -25.54 -13.22 -5.55
N SER A 508 -25.97 -12.57 -6.63
CA SER A 508 -25.05 -11.84 -7.48
C SER A 508 -24.57 -10.57 -6.78
N VAL A 509 -23.47 -10.01 -7.31
CA VAL A 509 -22.92 -8.80 -6.72
C VAL A 509 -23.83 -7.61 -6.98
N ILE A 510 -24.37 -7.51 -8.21
CA ILE A 510 -25.13 -6.32 -8.59
C ILE A 510 -26.36 -6.16 -7.71
N ASP A 511 -27.07 -7.26 -7.43
CA ASP A 511 -28.20 -7.21 -6.52
C ASP A 511 -27.78 -7.33 -5.06
N ARG A 512 -26.63 -7.93 -4.79
CA ARG A 512 -26.10 -7.91 -3.43
C ARG A 512 -25.88 -6.48 -2.95
N LYS A 513 -25.53 -5.57 -3.88
CA LYS A 513 -25.40 -4.16 -3.51
C LYS A 513 -26.72 -3.64 -2.92
N ASP A 514 -27.82 -3.88 -3.63
CA ASP A 514 -29.12 -3.44 -3.12
C ASP A 514 -29.46 -4.15 -1.82
N LEU A 515 -29.14 -5.44 -1.73
CA LEU A 515 -29.41 -6.19 -0.51
C LEU A 515 -28.71 -5.55 0.69
N ILE A 516 -27.43 -5.23 0.55
CA ILE A 516 -26.69 -4.65 1.66
C ILE A 516 -27.18 -3.25 1.96
N ILE A 517 -27.53 -2.48 0.92
CA ILE A 517 -28.04 -1.13 1.15
C ILE A 517 -29.33 -1.18 1.95
N LYS A 518 -30.25 -2.09 1.59
CA LYS A 518 -31.48 -2.25 2.34
C LYS A 518 -31.26 -2.90 3.71
N ARG A 519 -30.10 -3.53 3.91
CA ARG A 519 -29.78 -4.19 5.17
C ARG A 519 -30.90 -5.15 5.57
N ILE A 520 -31.08 -6.16 4.72
CA ILE A 520 -31.98 -7.27 5.00
C ILE A 520 -31.19 -8.34 5.73
N LYS A 521 -31.88 -9.10 6.55
CA LYS A 521 -31.18 -10.05 7.41
C LYS A 521 -31.14 -11.43 6.75
N PRO A 522 -30.14 -12.26 7.09
CA PRO A 522 -30.12 -13.63 6.58
C PRO A 522 -31.22 -14.47 7.21
N LYS A 523 -31.30 -15.75 6.85
CA LYS A 523 -32.33 -16.64 7.35
C LYS A 523 -31.73 -17.97 7.73
N PRO A 524 -32.36 -18.71 8.63
CA PRO A 524 -31.85 -20.04 8.97
C PRO A 524 -31.92 -20.97 7.77
N GLN A 525 -30.99 -21.93 7.73
CA GLN A 525 -30.88 -22.88 6.64
C GLN A 525 -31.10 -24.30 7.16
N GLN A 526 -31.73 -25.12 6.32
CA GLN A 526 -31.99 -26.51 6.69
C GLN A 526 -30.67 -27.20 7.01
N GLY A 527 -30.70 -28.03 8.05
CA GLY A 527 -29.50 -28.70 8.52
C GLY A 527 -28.74 -27.97 9.60
N ASP A 528 -29.28 -26.84 10.09
CA ASP A 528 -28.67 -26.10 11.19
C ASP A 528 -29.37 -26.35 12.51
N ASP A 529 -30.24 -27.35 12.58
CA ASP A 529 -31.03 -27.64 13.78
C ASP A 529 -30.25 -28.63 14.64
N ILE A 530 -29.34 -28.09 15.47
CA ILE A 530 -28.57 -28.89 16.41
C ILE A 530 -28.52 -28.15 17.75
N THR A 531 -28.18 -28.89 18.80
CA THR A 531 -28.07 -28.34 20.14
C THR A 531 -26.71 -28.68 20.73
N VAL A 532 -26.43 -28.09 21.90
CA VAL A 532 -25.13 -28.26 22.53
C VAL A 532 -24.88 -29.72 22.85
N VAL A 533 -25.93 -30.45 23.24
CA VAL A 533 -25.77 -31.87 23.54
C VAL A 533 -25.25 -32.61 22.32
N ASP A 534 -25.77 -32.27 21.14
CA ASP A 534 -25.32 -32.94 19.92
C ASP A 534 -23.82 -32.76 19.72
N VAL A 535 -23.34 -31.52 19.78
CA VAL A 535 -21.93 -31.26 19.53
C VAL A 535 -21.07 -31.92 20.59
N GLU A 536 -21.52 -31.91 21.85
CA GLU A 536 -20.75 -32.56 22.90
C GLU A 536 -20.62 -34.05 22.62
N LYS A 537 -21.73 -34.70 22.28
CA LYS A 537 -21.67 -36.13 22.00
C LYS A 537 -20.77 -36.41 20.81
N GLN A 538 -20.87 -35.61 19.75
CA GLN A 538 -20.05 -35.85 18.56
C GLN A 538 -18.57 -35.67 18.88
N ILE A 539 -18.23 -34.63 19.66
CA ILE A 539 -16.84 -34.40 20.00
C ILE A 539 -16.30 -35.54 20.84
N GLU A 540 -17.09 -36.01 21.82
CA GLU A 540 -16.65 -37.15 22.62
C GLU A 540 -16.47 -38.39 21.76
N ALA A 541 -17.38 -38.60 20.80
CA ALA A 541 -17.25 -39.75 19.91
C ALA A 541 -15.96 -39.67 19.10
N PHE A 542 -15.65 -38.49 18.56
CA PHE A 542 -14.40 -38.36 17.81
C PHE A 542 -13.19 -38.57 18.70
N ARG A 543 -13.23 -38.05 19.93
CA ARG A 543 -12.12 -38.28 20.84
C ARG A 543 -11.92 -39.77 21.06
N SER A 544 -13.00 -40.49 21.30
CA SER A 544 -12.90 -41.94 21.49
C SER A 544 -12.34 -42.61 20.26
N ARG A 545 -12.82 -42.24 19.07
CA ARG A 545 -12.33 -42.84 17.84
C ARG A 545 -10.84 -42.59 17.66
N LEU A 546 -10.39 -41.35 17.92
CA LEU A 546 -8.98 -41.03 17.76
C LEU A 546 -8.12 -41.81 18.74
N ILE A 547 -8.58 -41.94 20.00
CA ILE A 547 -7.82 -42.75 20.95
C ILE A 547 -7.76 -44.19 20.48
N GLN A 548 -8.87 -44.72 19.99
CA GLN A 548 -8.90 -46.11 19.55
C GLN A 548 -7.92 -46.36 18.41
N MET A 549 -7.89 -45.46 17.43
CA MET A 549 -7.01 -45.67 16.28
C MET A 549 -5.57 -45.25 16.54
N LEU A 550 -5.32 -44.46 17.59
CA LEU A 550 -3.97 -43.98 17.89
C LEU A 550 -3.56 -44.25 19.33
N GLY A 551 -4.48 -44.13 20.28
CA GLY A 551 -4.16 -44.30 21.68
C GLY A 551 -4.11 -42.97 22.40
N GLU A 552 -3.38 -42.97 23.52
CA GLU A 552 -3.21 -41.80 24.36
C GLU A 552 -1.84 -41.86 25.00
N PRO A 553 -1.30 -40.72 25.45
CA PRO A 553 -1.88 -39.37 25.33
C PRO A 553 -1.67 -38.76 23.95
N LEU A 554 -2.61 -37.93 23.50
CA LEU A 554 -2.49 -37.31 22.20
C LEU A 554 -1.35 -36.30 22.19
N VAL A 555 -0.93 -35.92 20.98
CA VAL A 555 0.14 -34.93 20.87
C VAL A 555 -0.35 -33.60 21.43
N PRO A 556 0.47 -32.86 22.18
CA PRO A 556 -0.03 -31.59 22.75
C PRO A 556 -0.59 -30.65 21.69
N GLN A 557 0.06 -30.54 20.55
CA GLN A 557 -0.48 -29.72 19.47
C GLN A 557 -1.84 -30.25 19.02
N LEU A 558 -1.94 -31.57 18.87
CA LEU A 558 -3.23 -32.17 18.49
C LEU A 558 -4.27 -31.91 19.56
N GLN A 559 -3.89 -32.01 20.83
CA GLN A 559 -4.81 -31.68 21.92
C GLN A 559 -5.33 -30.26 21.78
N ASP A 560 -4.43 -29.30 21.56
CA ASP A 560 -4.86 -27.92 21.43
C ASP A 560 -5.79 -27.75 20.24
N LYS A 561 -5.48 -28.42 19.12
CA LYS A 561 -6.33 -28.29 17.94
C LYS A 561 -7.72 -28.86 18.18
N VAL A 562 -7.80 -30.02 18.83
CA VAL A 562 -9.13 -30.58 19.10
C VAL A 562 -9.88 -29.69 20.05
N HIS A 563 -9.19 -29.11 21.02
CA HIS A 563 -9.84 -28.17 21.94
C HIS A 563 -10.39 -26.96 21.18
N LEU A 564 -9.59 -26.42 20.26
CA LEU A 564 -10.06 -25.29 19.47
C LEU A 564 -11.28 -25.66 18.65
N LEU A 565 -11.26 -26.84 18.02
CA LEU A 565 -12.43 -27.29 17.28
C LEU A 565 -13.62 -27.44 18.21
N LYS A 566 -13.39 -27.89 19.44
CA LYS A 566 -14.48 -28.03 20.40
C LYS A 566 -15.14 -26.68 20.66
N LEU A 567 -14.33 -25.66 20.94
CA LEU A 567 -14.90 -24.33 21.16
C LEU A 567 -15.62 -23.82 19.91
N LEU A 568 -15.02 -24.02 18.74
CA LEU A 568 -15.64 -23.52 17.52
C LEU A 568 -17.00 -24.17 17.30
N LEU A 569 -17.09 -25.49 17.49
CA LEU A 569 -18.39 -26.16 17.39
C LEU A 569 -19.34 -25.65 18.45
N PHE A 570 -18.85 -25.47 19.69
CA PHE A 570 -19.70 -24.92 20.74
C PHE A 570 -20.29 -23.59 20.33
N TYR A 571 -19.56 -22.82 19.53
CA TYR A 571 -20.18 -21.66 18.89
C TYR A 571 -21.48 -22.08 18.20
N ALA A 572 -21.43 -23.20 17.48
CA ALA A 572 -22.63 -23.86 16.96
C ALA A 572 -23.58 -22.88 16.29
N ALA A 573 -23.08 -21.74 15.82
CA ALA A 573 -23.95 -20.68 15.32
C ALA A 573 -25.09 -20.42 16.30
N ASP A 574 -24.76 -20.38 17.58
CA ASP A 574 -25.78 -20.25 18.62
C ASP A 574 -26.60 -18.99 18.39
N LEU A 575 -27.90 -19.19 18.12
CA LEU A 575 -28.76 -18.11 17.68
C LEU A 575 -29.50 -17.48 18.85
N ASP B 99 30.45 9.04 -8.51
CA ASP B 99 29.94 9.91 -9.56
C ASP B 99 29.93 11.36 -9.11
N ALA B 100 30.37 12.25 -10.01
CA ALA B 100 30.40 13.68 -9.67
C ALA B 100 29.02 14.20 -9.29
N ILE B 101 27.96 13.65 -9.90
CA ILE B 101 26.61 14.09 -9.62
C ILE B 101 25.69 12.87 -9.58
N PRO B 102 25.54 12.21 -8.43
CA PRO B 102 24.55 11.13 -8.33
C PRO B 102 23.15 11.64 -8.59
N ASP B 103 22.32 10.78 -9.18
CA ASP B 103 21.01 11.17 -9.66
C ASP B 103 19.91 11.06 -8.62
N HIS B 104 20.21 10.58 -7.42
CA HIS B 104 19.20 10.38 -6.40
C HIS B 104 19.73 10.80 -5.03
N HIS B 105 18.81 11.17 -4.15
CA HIS B 105 19.18 11.62 -2.82
C HIS B 105 19.91 10.49 -2.08
N PRO B 106 21.03 10.79 -1.41
CA PRO B 106 21.77 9.71 -0.74
C PRO B 106 20.99 9.00 0.35
N GLY B 107 20.06 9.67 1.01
CA GLY B 107 19.36 9.09 2.13
C GLY B 107 20.19 9.14 3.40
N GLU B 108 19.59 8.65 4.48
CA GLU B 108 20.27 8.66 5.78
C GLU B 108 19.71 7.54 6.64
N GLU B 109 20.45 7.22 7.70
CA GLU B 109 20.11 6.12 8.61
C GLU B 109 19.20 6.64 9.71
N ILE B 110 17.90 6.44 9.53
CA ILE B 110 16.92 6.82 10.55
C ILE B 110 16.64 5.65 11.48
N PHE B 111 16.33 4.48 10.93
CA PHE B 111 16.05 3.30 11.74
C PHE B 111 17.34 2.71 12.27
N ASN B 112 17.31 2.25 13.51
CA ASN B 112 18.39 1.46 14.10
C ASN B 112 17.82 0.11 14.52
N PHE B 113 18.41 -0.96 14.01
CA PHE B 113 17.85 -2.29 14.24
C PHE B 113 18.05 -2.74 15.68
N LEU B 114 19.25 -2.55 16.22
CA LEU B 114 19.54 -3.02 17.57
C LEU B 114 18.64 -2.38 18.61
N ASN B 115 18.04 -1.22 18.30
CA ASN B 115 17.11 -0.56 19.20
C ASN B 115 15.67 -0.66 18.71
N SER B 116 15.41 -1.55 17.74
CA SER B 116 14.06 -1.73 17.21
C SER B 116 13.33 -2.77 18.04
N GLY B 117 12.22 -2.38 18.65
CA GLY B 117 11.41 -3.30 19.43
C GLY B 117 11.76 -3.32 20.90
N LYS B 118 11.83 -2.14 21.51
CA LYS B 118 12.09 -2.05 22.95
C LYS B 118 10.83 -2.12 23.79
N ILE B 119 9.66 -2.06 23.16
CA ILE B 119 8.40 -1.99 23.90
C ILE B 119 7.74 -3.36 23.95
N PHE B 120 7.36 -3.88 22.78
CA PHE B 120 6.57 -5.11 22.72
C PHE B 120 6.88 -5.85 21.44
N ASN B 121 6.57 -7.14 21.45
CA ASN B 121 6.72 -7.99 20.27
C ASN B 121 5.46 -8.85 20.14
N GLN B 122 5.50 -9.82 19.23
CA GLN B 122 4.33 -10.67 19.01
C GLN B 122 4.15 -11.71 20.10
N TYR B 123 5.18 -11.95 20.92
CA TYR B 123 5.07 -12.89 22.03
C TYR B 123 4.54 -12.22 23.30
N THR B 124 4.02 -11.00 23.21
CA THR B 124 3.58 -10.26 24.39
C THR B 124 2.16 -9.71 24.27
N LEU B 125 1.63 -9.58 23.06
CA LEU B 125 0.31 -8.99 22.86
C LEU B 125 -0.73 -10.10 22.77
N ASP B 126 -1.67 -10.10 23.71
CA ASP B 126 -2.82 -10.99 23.67
C ASP B 126 -4.08 -10.19 24.01
N LEU B 127 -5.16 -10.49 23.28
CA LEU B 127 -6.43 -9.83 23.54
C LEU B 127 -7.10 -10.36 24.81
N ARG B 128 -6.62 -11.48 25.35
CA ARG B 128 -7.12 -11.96 26.63
C ARG B 128 -6.83 -10.95 27.74
N ASP B 129 -5.62 -10.40 27.76
CA ASP B 129 -5.23 -9.52 28.85
C ASP B 129 -6.03 -8.23 28.89
N SER B 130 -6.69 -7.87 27.79
CA SER B 130 -7.46 -6.63 27.77
C SER B 130 -8.51 -6.63 28.88
N GLY B 131 -9.33 -7.68 28.93
CA GLY B 131 -10.26 -7.87 30.02
C GLY B 131 -11.60 -7.20 29.77
N PHE B 132 -12.66 -7.99 29.68
CA PHE B 132 -14.00 -7.46 29.48
C PHE B 132 -14.99 -8.42 30.13
N ILE B 133 -16.16 -7.87 30.47
CA ILE B 133 -17.23 -8.69 31.02
C ILE B 133 -17.66 -9.71 29.98
N GLY B 134 -17.44 -10.99 30.29
CA GLY B 134 -17.74 -12.04 29.33
C GLY B 134 -19.16 -12.55 29.43
N GLN B 135 -20.03 -12.04 28.55
CA GLN B 135 -21.42 -12.47 28.48
C GLN B 135 -21.80 -13.00 27.11
N SER B 136 -21.33 -12.36 26.04
CA SER B 136 -21.60 -12.84 24.69
C SER B 136 -20.66 -13.99 24.34
N ALA B 137 -21.15 -14.89 23.49
CA ALA B 137 -20.32 -16.03 23.08
C ALA B 137 -19.00 -15.56 22.49
N VAL B 138 -18.98 -14.39 21.85
CA VAL B 138 -17.75 -13.86 21.28
C VAL B 138 -16.68 -13.73 22.37
N GLU B 139 -16.99 -12.93 23.39
CA GLU B 139 -16.02 -12.68 24.45
C GLU B 139 -15.69 -13.96 25.21
N LYS B 140 -16.69 -14.79 25.48
CA LYS B 140 -16.45 -16.03 26.21
C LYS B 140 -15.48 -16.92 25.45
N LEU B 141 -15.71 -17.10 24.15
CA LEU B 141 -14.79 -17.88 23.34
C LEU B 141 -13.40 -17.26 23.34
N ILE B 142 -13.33 -15.94 23.19
CA ILE B 142 -12.04 -15.27 23.13
C ILE B 142 -11.24 -15.51 24.39
N LEU B 143 -11.87 -15.30 25.56
CA LEU B 143 -11.14 -15.43 26.81
C LEU B 143 -10.90 -16.87 27.21
N LYS B 144 -11.69 -17.81 26.69
CA LYS B 144 -11.38 -19.22 26.85
C LYS B 144 -10.38 -19.73 25.83
N SER B 145 -10.15 -18.97 24.76
CA SER B 145 -9.27 -19.41 23.68
C SER B 145 -7.81 -19.30 24.10
N GLY B 146 -6.97 -20.13 23.45
CA GLY B 146 -5.54 -20.11 23.72
C GLY B 146 -4.86 -18.90 23.13
N LYS B 147 -3.57 -19.02 22.82
CA LYS B 147 -2.79 -17.90 22.30
C LYS B 147 -2.69 -17.94 20.78
N THR B 148 -2.32 -19.08 20.19
CA THR B 148 -2.25 -19.17 18.74
C THR B 148 -3.64 -19.18 18.13
N ASP B 149 -4.62 -19.71 18.86
CA ASP B 149 -6.00 -19.59 18.41
C ASP B 149 -6.38 -18.14 18.20
N GLN B 150 -5.70 -17.23 18.91
CA GLN B 150 -5.96 -15.80 18.73
C GLN B 150 -5.60 -15.35 17.33
N ILE B 151 -4.38 -15.66 16.89
CA ILE B 151 -3.96 -15.27 15.55
C ILE B 151 -4.82 -15.97 14.51
N PHE B 152 -5.15 -17.25 14.76
CA PHE B 152 -6.00 -17.96 13.81
C PHE B 152 -7.35 -17.27 13.68
N LEU B 153 -7.97 -16.88 14.79
CA LEU B 153 -9.25 -16.19 14.74
C LEU B 153 -9.12 -14.87 14.01
N THR B 154 -8.04 -14.14 14.24
CA THR B 154 -7.87 -12.85 13.57
C THR B 154 -7.78 -13.03 12.06
N THR B 155 -6.89 -13.91 11.60
CA THR B 155 -6.62 -14.00 10.16
C THR B 155 -7.86 -14.42 9.39
N GLN B 156 -8.59 -15.42 9.88
CA GLN B 156 -9.70 -16.00 9.14
C GLN B 156 -11.00 -15.22 9.31
N GLY B 157 -10.94 -13.97 9.76
CA GLY B 157 -12.12 -13.13 9.81
C GLY B 157 -13.15 -13.52 10.84
N PHE B 158 -12.75 -14.25 11.88
CA PHE B 158 -13.71 -14.62 12.93
C PHE B 158 -14.25 -13.39 13.62
N LEU B 159 -13.41 -12.40 13.90
CA LEU B 159 -13.88 -11.16 14.49
C LEU B 159 -14.87 -10.45 13.56
N THR B 160 -14.54 -10.40 12.27
CA THR B 160 -15.45 -9.78 11.31
C THR B 160 -16.79 -10.51 11.29
N SER B 161 -16.77 -11.84 11.34
CA SER B 161 -18.01 -12.60 11.43
C SER B 161 -18.77 -12.24 12.69
N ALA B 162 -18.07 -12.10 13.82
CA ALA B 162 -18.71 -11.89 15.11
C ALA B 162 -19.01 -10.43 15.41
N TYR B 163 -18.72 -9.51 14.49
CA TYR B 163 -18.91 -8.09 14.76
C TYR B 163 -19.73 -7.44 13.66
N HIS B 164 -20.86 -8.05 13.30
CA HIS B 164 -21.71 -7.52 12.25
C HIS B 164 -22.69 -6.47 12.77
N TYR B 165 -23.07 -6.52 14.05
CA TYR B 165 -24.04 -5.58 14.60
C TYR B 165 -23.61 -4.97 15.93
N VAL B 166 -22.35 -5.12 16.34
CA VAL B 166 -21.89 -4.62 17.63
C VAL B 166 -20.53 -3.94 17.46
N GLN B 167 -20.39 -2.77 18.08
CA GLN B 167 -19.11 -2.08 18.06
C GLN B 167 -18.03 -2.95 18.66
N CYS B 168 -16.88 -2.99 18.01
CA CYS B 168 -15.73 -3.70 18.55
C CYS B 168 -15.11 -2.86 19.67
N PRO B 169 -14.80 -3.45 20.83
CA PRO B 169 -14.21 -2.66 21.92
C PRO B 169 -12.89 -2.03 21.50
N VAL B 170 -12.66 -0.80 21.96
CA VAL B 170 -11.50 -0.05 21.49
C VAL B 170 -10.20 -0.80 21.75
N PRO B 171 -9.98 -1.40 22.92
CA PRO B 171 -8.71 -2.13 23.11
C PRO B 171 -8.52 -3.25 22.10
N VAL B 172 -9.60 -3.84 21.61
CA VAL B 172 -9.48 -4.87 20.58
C VAL B 172 -8.83 -4.26 19.33
N LEU B 173 -9.35 -3.12 18.88
CA LEU B 173 -8.78 -2.46 17.71
C LEU B 173 -7.34 -2.04 17.97
N LYS B 174 -7.06 -1.55 19.18
CA LYS B 174 -5.69 -1.13 19.49
C LYS B 174 -4.73 -2.30 19.40
N TRP B 175 -5.13 -3.47 19.93
CA TRP B 175 -4.27 -4.64 19.85
C TRP B 175 -4.15 -5.14 18.42
N LEU B 176 -5.23 -5.04 17.63
CA LEU B 176 -5.13 -5.39 16.22
C LEU B 176 -4.12 -4.51 15.50
N PHE B 177 -4.15 -3.21 15.79
CA PHE B 177 -3.16 -2.29 15.22
C PHE B 177 -1.75 -2.68 15.64
N ARG B 178 -1.57 -2.98 16.93
CA ARG B 178 -0.26 -3.38 17.43
C ARG B 178 0.24 -4.61 16.68
N MET B 179 -0.63 -5.61 16.52
CA MET B 179 -0.24 -6.84 15.84
C MET B 179 0.11 -6.58 14.38
N MET B 180 -0.74 -5.84 13.68
CA MET B 180 -0.43 -5.49 12.30
C MET B 180 0.93 -4.83 12.20
N SER B 181 1.28 -4.02 13.19
CA SER B 181 2.54 -3.30 13.14
C SER B 181 3.73 -4.21 13.44
N VAL B 182 3.55 -5.20 14.33
CA VAL B 182 4.70 -5.92 14.86
C VAL B 182 4.90 -7.31 14.27
N HIS B 183 3.88 -7.91 13.66
CA HIS B 183 4.01 -9.28 13.19
C HIS B 183 5.00 -9.37 12.04
N THR B 184 5.88 -10.37 12.10
CA THR B 184 6.95 -10.48 11.12
C THR B 184 6.42 -10.95 9.76
N ASP B 185 5.56 -11.98 9.77
CA ASP B 185 5.10 -12.57 8.53
C ASP B 185 4.26 -11.58 7.73
N CYS B 186 4.42 -11.59 6.41
CA CYS B 186 3.72 -10.61 5.58
C CYS B 186 2.24 -10.94 5.43
N ILE B 187 1.92 -12.21 5.21
CA ILE B 187 0.52 -12.57 4.92
C ILE B 187 -0.35 -12.31 6.15
N VAL B 188 0.15 -12.67 7.33
CA VAL B 188 -0.62 -12.43 8.54
C VAL B 188 -0.85 -10.94 8.74
N SER B 189 0.19 -10.13 8.48
CA SER B 189 0.06 -8.68 8.63
C SER B 189 -1.00 -8.13 7.68
N VAL B 190 -0.96 -8.56 6.42
CA VAL B 190 -1.95 -8.08 5.45
C VAL B 190 -3.35 -8.49 5.86
N GLN B 191 -3.50 -9.73 6.33
CA GLN B 191 -4.81 -10.20 6.75
C GLN B 191 -5.32 -9.39 7.95
N ILE B 192 -4.43 -9.10 8.89
CA ILE B 192 -4.82 -8.30 10.06
C ILE B 192 -5.26 -6.92 9.62
N LEU B 193 -4.52 -6.31 8.69
CA LEU B 193 -4.92 -5.00 8.19
C LEU B 193 -6.29 -5.07 7.53
N SER B 194 -6.52 -6.13 6.73
CA SER B 194 -7.82 -6.29 6.08
C SER B 194 -8.92 -6.39 7.11
N THR B 195 -8.70 -7.17 8.16
CA THR B 195 -9.68 -7.28 9.23
C THR B 195 -9.95 -5.93 9.87
N LEU B 196 -8.90 -5.14 10.10
CA LEU B 196 -9.07 -3.83 10.71
C LEU B 196 -9.93 -2.93 9.82
N MET B 197 -9.61 -2.89 8.53
CA MET B 197 -10.42 -2.06 7.63
C MET B 197 -11.87 -2.53 7.64
N GLU B 198 -12.09 -3.84 7.55
CA GLU B 198 -13.46 -4.35 7.46
C GLU B 198 -14.25 -3.99 8.71
N ILE B 199 -13.69 -4.29 9.89
CA ILE B 199 -14.41 -4.02 11.13
C ILE B 199 -14.66 -2.52 11.28
N THR B 200 -13.65 -1.70 11.00
CA THR B 200 -13.84 -0.26 11.12
C THR B 200 -14.96 0.23 10.21
N ILE B 201 -14.93 -0.19 8.94
CA ILE B 201 -15.95 0.29 8.00
C ILE B 201 -17.33 -0.16 8.44
N ARG B 202 -17.47 -1.43 8.83
CA ARG B 202 -18.78 -1.94 9.22
C ARG B 202 -19.30 -1.19 10.45
N ASN B 203 -18.47 -1.09 11.49
CA ASN B 203 -18.89 -0.37 12.69
C ASN B 203 -19.32 1.04 12.33
N ASP B 204 -18.47 1.79 11.62
CA ASP B 204 -18.84 3.13 11.21
C ASP B 204 -20.19 3.14 10.50
N THR B 205 -20.43 2.17 9.63
CA THR B 205 -21.71 2.14 8.93
C THR B 205 -22.84 1.84 9.90
N PHE B 206 -22.54 1.26 11.05
CA PHE B 206 -23.53 1.03 12.10
C PHE B 206 -23.28 1.86 13.35
N SER B 207 -22.13 2.53 13.45
CA SER B 207 -21.76 3.28 14.64
C SER B 207 -22.05 4.77 14.44
N ASP B 208 -23.33 5.13 14.60
CA ASP B 208 -23.74 6.52 14.56
C ASP B 208 -23.53 7.21 15.91
N SER B 209 -23.04 6.50 16.92
CA SER B 209 -22.88 7.08 18.24
C SER B 209 -21.86 8.21 18.22
N PRO B 210 -21.93 9.12 19.20
CA PRO B 210 -20.97 10.23 19.22
C PRO B 210 -19.53 9.78 19.26
N VAL B 211 -19.25 8.60 19.82
CA VAL B 211 -17.90 8.07 19.83
C VAL B 211 -17.52 7.77 18.37
N TRP B 212 -16.61 8.57 17.83
CA TRP B 212 -16.23 8.41 16.43
C TRP B 212 -15.43 7.13 16.24
N PRO B 213 -15.34 6.63 15.01
CA PRO B 213 -14.55 5.42 14.77
C PRO B 213 -13.13 5.60 15.29
N TRP B 214 -12.60 4.56 15.90
CA TRP B 214 -11.29 4.67 16.51
C TRP B 214 -10.24 4.97 15.46
N ILE B 215 -9.36 5.91 15.78
CA ILE B 215 -8.26 6.29 14.90
C ILE B 215 -7.03 6.51 15.77
N PRO B 216 -5.88 5.90 15.45
CA PRO B 216 -4.74 5.98 16.37
C PRO B 216 -4.33 7.43 16.62
N SER B 217 -4.42 7.84 17.87
CA SER B 217 -3.94 9.17 18.24
C SER B 217 -2.42 9.22 18.10
N LEU B 218 -1.88 10.44 18.10
CA LEU B 218 -0.46 10.60 17.88
C LEU B 218 0.34 9.75 18.85
N SER B 219 -0.16 9.56 20.07
CA SER B 219 0.52 8.67 21.01
C SER B 219 0.65 7.27 20.42
N ASP B 220 -0.41 6.77 19.77
CA ASP B 220 -0.39 5.41 19.24
C ASP B 220 0.62 5.27 18.10
N VAL B 221 0.55 6.19 17.13
CA VAL B 221 1.46 6.11 15.99
C VAL B 221 2.89 6.27 16.45
N ALA B 222 3.14 7.20 17.38
CA ALA B 222 4.48 7.35 17.93
C ALA B 222 4.93 6.08 18.62
N ALA B 223 4.02 5.43 19.36
CA ALA B 223 4.37 4.19 20.04
C ALA B 223 4.83 3.15 19.03
N VAL B 224 4.03 2.91 18.00
CA VAL B 224 4.37 1.86 17.03
C VAL B 224 5.68 2.19 16.35
N PHE B 225 5.84 3.43 15.88
CA PHE B 225 7.04 3.78 15.13
C PHE B 225 8.28 3.70 16.02
N PHE B 226 8.19 4.17 17.27
CA PHE B 226 9.32 4.07 18.17
C PHE B 226 9.66 2.61 18.44
N ASN B 227 8.64 1.76 18.60
CA ASN B 227 8.90 0.34 18.72
C ASN B 227 9.67 -0.17 17.50
N MET B 228 9.32 0.33 16.31
CA MET B 228 10.05 -0.05 15.11
C MET B 228 11.51 0.36 15.15
N GLY B 229 11.85 1.37 15.95
CA GLY B 229 13.24 1.79 16.10
C GLY B 229 13.51 3.21 15.65
N ILE B 230 12.53 4.10 15.79
CA ILE B 230 12.68 5.51 15.44
C ILE B 230 12.80 6.31 16.73
N ASP B 231 13.86 7.10 16.84
CA ASP B 231 14.09 7.90 18.03
C ASP B 231 13.10 9.07 18.08
N PHE B 232 12.90 9.58 19.30
CA PHE B 232 11.92 10.65 19.50
C PHE B 232 12.28 11.88 18.68
N ARG B 233 13.56 12.28 18.72
CA ARG B 233 13.98 13.43 17.93
C ARG B 233 13.84 13.14 16.43
N SER B 234 14.12 11.91 16.02
CA SER B 234 13.88 11.54 14.63
C SER B 234 12.40 11.67 14.29
N LEU B 235 11.53 11.23 15.19
CA LEU B 235 10.10 11.40 14.97
C LEU B 235 9.73 12.87 14.93
N PHE B 236 10.34 13.69 15.79
CA PHE B 236 10.08 15.12 15.85
C PHE B 236 11.42 15.84 15.93
N PRO B 237 11.99 16.23 14.79
CA PRO B 237 13.32 16.85 14.80
C PRO B 237 13.34 18.37 14.83
N LEU B 238 12.19 19.03 14.96
CA LEU B 238 12.11 20.48 15.00
C LEU B 238 11.75 20.90 16.43
N GLU B 239 12.71 21.51 17.11
CA GLU B 239 12.51 21.88 18.50
C GLU B 239 11.37 22.87 18.66
N ASN B 240 11.17 23.73 17.67
CA ASN B 240 10.09 24.71 17.74
C ASN B 240 8.75 24.02 17.92
N LEU B 241 8.52 22.92 17.20
CA LEU B 241 7.26 22.20 17.24
C LEU B 241 7.50 20.82 17.83
N GLN B 242 6.96 20.58 19.01
CA GLN B 242 7.12 19.33 19.74
C GLN B 242 5.76 18.85 20.21
N PRO B 243 5.61 17.56 20.49
CA PRO B 243 4.29 17.02 20.83
C PRO B 243 3.84 17.42 22.24
N ASP B 244 2.69 16.90 22.65
CA ASP B 244 2.09 17.24 23.94
C ASP B 244 2.55 16.32 25.06
N PHE B 245 3.49 15.43 24.80
CA PHE B 245 3.94 14.45 25.78
C PHE B 245 5.45 14.28 25.63
N ASN B 246 5.99 13.25 26.27
CA ASN B 246 7.41 12.94 26.18
C ASN B 246 7.58 11.43 26.00
N GLU B 247 8.82 11.03 25.74
CA GLU B 247 9.09 9.63 25.45
C GLU B 247 8.78 8.74 26.65
N ASP B 248 9.15 9.18 27.85
CA ASP B 248 8.95 8.34 29.03
C ASP B 248 7.48 8.04 29.25
N TYR B 249 6.61 9.04 29.08
CA TYR B 249 5.18 8.80 29.21
C TYR B 249 4.73 7.70 28.25
N LEU B 250 5.10 7.83 26.98
CA LEU B 250 4.71 6.83 26.00
C LEU B 250 5.17 5.44 26.42
N VAL B 251 6.46 5.31 26.76
CA VAL B 251 7.02 3.99 27.05
C VAL B 251 6.33 3.38 28.27
N SER B 252 6.21 4.14 29.35
CA SER B 252 5.61 3.61 30.56
C SER B 252 4.15 3.24 30.33
N GLU B 253 3.39 4.11 29.66
CA GLU B 253 1.98 3.84 29.43
C GLU B 253 1.81 2.57 28.60
N THR B 254 2.52 2.47 27.48
CA THR B 254 2.37 1.31 26.62
C THR B 254 2.80 0.04 27.33
N GLN B 255 3.90 0.10 28.10
CA GLN B 255 4.38 -1.10 28.78
C GLN B 255 3.38 -1.55 29.84
N THR B 256 2.96 -0.63 30.72
CA THR B 256 2.04 -1.01 31.78
C THR B 256 0.71 -1.50 31.22
N THR B 257 0.22 -0.87 30.15
CA THR B 257 -0.98 -1.37 29.49
C THR B 257 -0.77 -2.80 29.02
N SER B 258 0.40 -3.08 28.44
CA SER B 258 0.79 -4.45 28.09
C SER B 258 1.22 -5.16 29.38
N ARG B 259 0.21 -5.48 30.19
CA ARG B 259 0.42 -6.13 31.48
C ARG B 259 1.43 -7.27 31.39
N SER B 263 10.80 -7.02 27.72
CA SER B 263 11.14 -7.66 28.98
C SER B 263 12.55 -8.24 28.93
N GLU B 264 13.41 -7.78 29.84
CA GLU B 264 14.80 -8.20 29.85
C GLU B 264 14.99 -9.70 30.04
N ASP B 265 13.92 -10.45 30.34
CA ASP B 265 14.05 -11.88 30.57
C ASP B 265 14.78 -12.56 29.40
N SER B 266 14.41 -12.20 28.18
CA SER B 266 15.04 -12.73 26.98
C SER B 266 15.97 -11.66 26.40
N SER B 267 17.21 -12.04 26.11
CA SER B 267 18.14 -11.12 25.46
C SER B 267 17.47 -10.49 24.25
N TYR B 268 17.40 -9.16 24.25
CA TYR B 268 16.55 -8.45 23.29
C TYR B 268 17.12 -8.59 21.90
N LYS B 269 16.58 -9.53 21.13
CA LYS B 269 16.83 -9.55 19.71
C LYS B 269 16.02 -8.45 19.05
N PRO B 270 16.51 -7.89 17.94
CA PRO B 270 15.67 -6.94 17.18
C PRO B 270 14.43 -7.66 16.68
N ILE B 271 13.27 -7.01 16.83
CA ILE B 271 12.04 -7.59 16.30
C ILE B 271 12.14 -7.71 14.78
N PHE B 272 12.91 -6.84 14.14
CA PHE B 272 13.17 -6.90 12.71
C PHE B 272 14.65 -6.68 12.48
N SER B 273 15.29 -7.61 11.78
CA SER B 273 16.69 -7.44 11.41
C SER B 273 16.86 -6.75 10.07
N THR B 274 15.76 -6.38 9.43
CA THR B 274 15.79 -5.67 8.15
C THR B 274 14.56 -4.79 8.06
N LEU B 275 14.63 -3.78 7.22
CA LEU B 275 13.56 -2.80 7.05
C LEU B 275 12.20 -3.48 7.09
N PRO B 276 11.34 -3.14 8.08
CA PRO B 276 9.99 -3.71 8.08
C PRO B 276 9.09 -2.99 7.09
N GLU B 277 9.36 -3.20 5.80
CA GLU B 277 8.62 -2.52 4.76
C GLU B 277 7.13 -2.82 4.87
N THR B 278 6.77 -4.09 4.98
CA THR B 278 5.36 -4.46 4.93
C THR B 278 4.58 -3.78 6.05
N ASN B 279 5.10 -3.86 7.28
CA ASN B 279 4.40 -3.29 8.43
C ASN B 279 4.22 -1.79 8.28
N ILE B 280 5.29 -1.09 7.84
CA ILE B 280 5.19 0.34 7.64
C ILE B 280 4.12 0.65 6.61
N LEU B 281 4.08 -0.14 5.53
CA LEU B 281 3.08 0.10 4.50
C LEU B 281 1.67 -0.07 5.04
N ASN B 282 1.43 -1.13 5.83
CA ASN B 282 0.08 -1.29 6.37
C ASN B 282 -0.26 -0.15 7.33
N VAL B 283 0.71 0.28 8.14
CA VAL B 283 0.45 1.36 9.07
C VAL B 283 0.03 2.63 8.32
N VAL B 284 0.78 2.98 7.27
CA VAL B 284 0.45 4.18 6.53
C VAL B 284 -0.87 4.03 5.78
N LYS B 285 -1.15 2.83 5.28
CA LYS B 285 -2.43 2.60 4.61
C LYS B 285 -3.60 2.81 5.57
N PHE B 286 -3.48 2.26 6.79
CA PHE B 286 -4.53 2.45 7.78
C PHE B 286 -4.65 3.92 8.16
N LEU B 287 -3.51 4.60 8.29
CA LEU B 287 -3.55 6.03 8.61
C LEU B 287 -4.32 6.79 7.54
N GLY B 288 -4.03 6.50 6.27
CA GLY B 288 -4.76 7.13 5.20
C GLY B 288 -6.25 6.82 5.26
N LEU B 289 -6.59 5.56 5.55
CA LEU B 289 -8.00 5.19 5.64
C LEU B 289 -8.71 6.01 6.70
N CYS B 290 -8.15 6.08 7.91
CA CYS B 290 -8.83 6.80 8.97
C CYS B 290 -8.90 8.29 8.65
N THR B 291 -7.83 8.85 8.08
CA THR B 291 -7.86 10.26 7.70
C THR B 291 -8.95 10.53 6.67
N SER B 292 -9.15 9.62 5.73
CA SER B 292 -10.14 9.83 4.69
C SER B 292 -11.56 9.61 5.20
N ILE B 293 -11.77 8.72 6.16
CA ILE B 293 -13.13 8.44 6.61
C ILE B 293 -13.58 9.48 7.63
N HIS B 294 -12.71 9.86 8.56
CA HIS B 294 -13.03 10.85 9.59
C HIS B 294 -12.01 11.99 9.48
N PRO B 295 -12.33 13.04 8.71
CA PRO B 295 -11.33 14.10 8.51
C PRO B 295 -11.01 14.89 9.78
N GLU B 296 -12.02 15.31 10.54
CA GLU B 296 -11.81 16.19 11.68
C GLU B 296 -11.33 15.44 12.92
N GLY B 297 -10.85 14.21 12.77
CA GLY B 297 -10.37 13.47 13.92
C GLY B 297 -9.05 13.94 14.49
N TYR B 298 -8.33 14.79 13.76
CA TYR B 298 -7.04 15.29 14.19
C TYR B 298 -7.06 16.81 14.26
N GLN B 299 -6.20 17.37 15.12
CA GLN B 299 -6.05 18.80 15.27
C GLN B 299 -4.94 19.31 14.36
N ASP B 300 -5.04 20.59 14.00
CA ASP B 300 -4.09 21.18 13.05
C ASP B 300 -2.65 20.94 13.49
N ARG B 301 -2.35 21.18 14.77
CA ARG B 301 -1.01 20.90 15.26
C ARG B 301 -0.67 19.43 15.10
N GLU B 302 -1.64 18.56 15.39
CA GLU B 302 -1.41 17.13 15.20
C GLU B 302 -1.11 16.83 13.74
N ILE B 303 -1.85 17.44 12.83
CA ILE B 303 -1.61 17.24 11.40
C ILE B 303 -0.19 17.65 11.05
N MET B 304 0.24 18.82 11.53
CA MET B 304 1.58 19.29 11.21
C MET B 304 2.64 18.32 11.74
N LEU B 305 2.47 17.84 12.97
CA LEU B 305 3.43 16.89 13.50
C LEU B 305 3.46 15.62 12.65
N LEU B 306 2.29 15.17 12.21
CA LEU B 306 2.24 13.97 11.37
C LEU B 306 2.98 14.19 10.05
N ILE B 307 2.79 15.36 9.43
CA ILE B 307 3.49 15.65 8.18
C ILE B 307 4.99 15.62 8.43
N LEU B 308 5.44 16.26 9.51
CA LEU B 308 6.87 16.32 9.79
C LEU B 308 7.45 14.94 9.98
N MET B 309 6.78 14.10 10.77
CA MET B 309 7.34 12.77 11.03
C MET B 309 7.32 11.92 9.76
N LEU B 310 6.26 12.01 8.96
CA LEU B 310 6.21 11.26 7.71
C LEU B 310 7.35 11.66 6.78
N PHE B 311 7.54 12.97 6.59
CA PHE B 311 8.62 13.43 5.72
C PHE B 311 9.97 12.99 6.24
N LYS B 312 10.20 13.11 7.55
CA LYS B 312 11.47 12.67 8.09
C LYS B 312 11.67 11.18 7.87
N MET B 313 10.62 10.38 8.04
CA MET B 313 10.73 8.94 7.85
C MET B 313 11.08 8.62 6.41
N SER B 314 10.51 9.36 5.46
CA SER B 314 10.75 9.06 4.05
C SER B 314 12.23 9.07 3.69
N LEU B 315 13.05 9.80 4.45
CA LEU B 315 14.47 9.97 4.17
C LEU B 315 15.29 8.72 4.49
N GLU B 316 14.64 7.60 4.82
CA GLU B 316 15.38 6.41 5.25
C GLU B 316 16.31 5.92 4.15
N LYS B 317 17.49 5.42 4.57
CA LYS B 317 18.48 4.95 3.60
C LYS B 317 18.02 3.69 2.89
N GLN B 318 17.58 2.69 3.64
CA GLN B 318 17.22 1.39 3.07
C GLN B 318 15.83 1.36 2.48
N LEU B 319 15.12 2.48 2.48
CA LEU B 319 13.79 2.59 1.90
C LEU B 319 13.82 3.26 0.53
N LYS B 320 15.01 3.40 -0.07
CA LYS B 320 15.13 4.14 -1.33
C LYS B 320 14.48 3.39 -2.49
N GLN B 321 14.46 2.05 -2.44
CA GLN B 321 14.03 1.25 -3.58
C GLN B 321 12.56 0.87 -3.54
N ILE B 322 11.80 1.29 -2.53
CA ILE B 322 10.42 0.86 -2.34
C ILE B 322 9.50 2.03 -2.68
N PRO B 323 8.60 1.88 -3.66
CA PRO B 323 7.76 3.03 -4.06
C PRO B 323 6.78 3.41 -2.97
N LEU B 324 6.80 4.69 -2.60
CA LEU B 324 5.95 5.22 -1.52
C LEU B 324 4.74 5.95 -2.09
N VAL B 325 3.88 5.21 -2.80
CA VAL B 325 2.69 5.82 -3.37
C VAL B 325 1.68 6.15 -2.28
N ASP B 326 1.46 5.20 -1.35
CA ASP B 326 0.49 5.46 -0.29
C ASP B 326 0.94 6.61 0.61
N PHE B 327 2.25 6.83 0.72
CA PHE B 327 2.74 8.04 1.36
C PHE B 327 2.12 9.27 0.70
N GLN B 328 2.14 9.30 -0.63
CA GLN B 328 1.56 10.43 -1.35
C GLN B 328 0.06 10.51 -1.12
N SER B 329 -0.63 9.36 -1.08
CA SER B 329 -2.07 9.40 -0.84
C SER B 329 -2.38 9.99 0.53
N LEU B 330 -1.68 9.53 1.56
CA LEU B 330 -1.89 10.06 2.89
C LEU B 330 -1.54 11.54 2.96
N LEU B 331 -0.50 11.95 2.24
CA LEU B 331 -0.17 13.37 2.17
C LEU B 331 -1.32 14.16 1.57
N ILE B 332 -1.90 13.65 0.49
CA ILE B 332 -3.05 14.34 -0.12
C ILE B 332 -4.16 14.49 0.90
N ASN B 333 -4.50 13.41 1.59
CA ASN B 333 -5.59 13.47 2.56
C ASN B 333 -5.29 14.50 3.65
N LEU B 334 -4.10 14.44 4.23
CA LEU B 334 -3.75 15.34 5.32
C LEU B 334 -3.78 16.80 4.86
N MET B 335 -3.11 17.10 3.75
CA MET B 335 -3.14 18.46 3.22
C MET B 335 -4.58 18.92 3.02
N LYS B 336 -5.45 18.03 2.55
CA LYS B 336 -6.85 18.41 2.38
C LYS B 336 -7.55 18.62 3.72
N ASN B 337 -7.06 17.99 4.79
CA ASN B 337 -7.77 18.03 6.07
C ASN B 337 -7.64 19.38 6.75
N ILE B 338 -6.47 20.03 6.66
CA ILE B 338 -6.18 21.23 7.42
C ILE B 338 -7.25 22.28 7.17
N ARG B 339 -7.53 23.10 8.18
CA ARG B 339 -8.62 24.07 8.14
C ARG B 339 -8.12 25.51 7.94
N ASP B 340 -6.99 25.86 8.55
CA ASP B 340 -6.38 27.17 8.34
C ASP B 340 -5.17 26.96 7.41
N TRP B 341 -5.45 26.96 6.11
CA TRP B 341 -4.46 26.55 5.14
C TRP B 341 -3.41 27.63 4.88
N ASN B 342 -3.85 28.78 4.37
CA ASN B 342 -2.93 29.84 4.00
C ASN B 342 -2.03 30.20 5.18
N THR B 343 -2.63 30.39 6.36
CA THR B 343 -1.84 30.73 7.54
C THR B 343 -0.80 29.65 7.83
N LYS B 344 -1.18 28.38 7.64
CA LYS B 344 -0.33 27.27 8.06
C LYS B 344 0.77 26.94 7.06
N VAL B 345 0.67 27.40 5.82
CA VAL B 345 1.61 26.96 4.79
C VAL B 345 3.05 27.33 5.18
N PRO B 346 3.34 28.60 5.46
CA PRO B 346 4.76 28.97 5.66
C PRO B 346 5.42 28.25 6.82
N GLU B 347 4.69 28.01 7.91
CA GLU B 347 5.26 27.27 9.03
C GLU B 347 5.68 25.88 8.59
N LEU B 348 4.80 25.20 7.85
CA LEU B 348 5.15 23.88 7.34
C LEU B 348 6.36 23.95 6.42
N CYS B 349 6.40 24.95 5.53
CA CYS B 349 7.53 25.08 4.62
C CYS B 349 8.84 25.19 5.39
N LEU B 350 8.88 26.06 6.39
CA LEU B 350 10.09 26.18 7.20
C LEU B 350 10.41 24.87 7.90
N GLY B 351 9.39 24.18 8.40
CA GLY B 351 9.62 22.91 9.07
C GLY B 351 10.31 21.91 8.17
N ILE B 352 9.79 21.74 6.94
CA ILE B 352 10.44 20.82 6.01
C ILE B 352 11.85 21.30 5.70
N ASN B 353 12.02 22.61 5.52
CA ASN B 353 13.35 23.13 5.24
C ASN B 353 14.33 22.70 6.34
N GLU B 354 13.90 22.75 7.60
CA GLU B 354 14.82 22.55 8.72
C GLU B 354 15.20 21.09 8.95
N LEU B 355 14.56 20.12 8.28
CA LEU B 355 14.75 18.73 8.66
C LEU B 355 16.20 18.28 8.47
N SER B 356 16.83 18.65 7.36
CA SER B 356 18.17 18.15 7.09
C SER B 356 18.97 19.22 6.37
N SER B 357 20.27 18.95 6.23
CA SER B 357 21.23 19.89 5.67
C SER B 357 21.59 19.58 4.21
N HIS B 358 21.80 18.33 3.87
CA HIS B 358 22.24 17.97 2.53
C HIS B 358 21.22 18.45 1.51
N PRO B 359 21.60 19.28 0.54
CA PRO B 359 20.58 19.89 -0.33
C PRO B 359 19.83 18.88 -1.17
N HIS B 360 20.49 17.81 -1.62
CA HIS B 360 19.82 16.86 -2.49
C HIS B 360 18.64 16.22 -1.78
N ASN B 361 18.75 16.00 -0.47
CA ASN B 361 17.60 15.51 0.28
C ASN B 361 16.44 16.49 0.22
N LEU B 362 16.74 17.78 0.38
CA LEU B 362 15.68 18.78 0.28
C LEU B 362 15.02 18.71 -1.09
N LEU B 363 15.83 18.59 -2.14
CA LEU B 363 15.27 18.40 -3.48
C LEU B 363 14.37 17.19 -3.52
N TRP B 364 14.77 16.09 -2.86
CA TRP B 364 13.94 14.91 -2.82
C TRP B 364 12.57 15.22 -2.23
N LEU B 365 12.53 15.84 -1.05
CA LEU B 365 11.23 16.13 -0.44
C LEU B 365 10.41 17.09 -1.30
N VAL B 366 11.07 18.00 -2.03
CA VAL B 366 10.32 18.83 -2.96
C VAL B 366 9.66 17.96 -4.02
N GLN B 367 10.42 16.99 -4.55
CA GLN B 367 9.90 16.13 -5.60
C GLN B 367 8.79 15.20 -5.09
N LEU B 368 8.87 14.81 -3.81
CA LEU B 368 8.03 13.73 -3.32
C LEU B 368 6.59 14.16 -3.09
N VAL B 369 6.37 15.44 -2.78
CA VAL B 369 5.00 15.87 -2.46
C VAL B 369 4.13 15.76 -3.71
N PRO B 370 2.86 15.38 -3.59
CA PRO B 370 2.02 15.31 -4.79
C PRO B 370 1.81 16.67 -5.42
N ASN B 371 1.59 16.67 -6.73
CA ASN B 371 1.47 17.90 -7.49
C ASN B 371 0.30 17.86 -8.47
N TRP B 372 -0.78 17.15 -8.14
CA TRP B 372 -2.00 17.18 -8.92
C TRP B 372 -3.19 17.63 -8.09
N THR B 373 -2.93 18.45 -7.07
CA THR B 373 -3.97 19.12 -6.31
C THR B 373 -3.48 20.50 -5.91
N SER B 374 -4.38 21.47 -5.92
CA SER B 374 -3.98 22.87 -5.80
C SER B 374 -3.09 23.10 -4.58
N ARG B 375 -3.49 22.58 -3.43
CA ARG B 375 -2.69 22.77 -2.22
C ARG B 375 -1.33 22.12 -2.35
N GLY B 376 -1.24 20.99 -3.05
CA GLY B 376 0.06 20.39 -3.30
C GLY B 376 0.97 21.30 -4.11
N ARG B 377 0.41 21.96 -5.13
CA ARG B 377 1.22 22.88 -5.93
C ARG B 377 1.66 24.08 -5.11
N GLN B 378 0.74 24.62 -4.29
CA GLN B 378 1.12 25.72 -3.41
C GLN B 378 2.28 25.31 -2.50
N LEU B 379 2.17 24.13 -1.89
CA LEU B 379 3.25 23.66 -1.02
C LEU B 379 4.55 23.52 -1.80
N ARG B 380 4.47 22.94 -3.00
CA ARG B 380 5.69 22.75 -3.79
C ARG B 380 6.37 24.08 -4.06
N GLN B 381 5.63 25.05 -4.59
CA GLN B 381 6.26 26.32 -4.97
C GLN B 381 6.80 27.04 -3.76
N CYS B 382 6.02 27.11 -2.68
CA CYS B 382 6.49 27.83 -1.49
C CYS B 382 7.72 27.16 -0.90
N LEU B 383 7.73 25.83 -0.85
CA LEU B 383 8.88 25.11 -0.31
C LEU B 383 10.10 25.37 -1.18
N SER B 384 9.93 25.41 -2.49
CA SER B 384 11.05 25.71 -3.38
C SER B 384 11.60 27.10 -3.13
N LEU B 385 10.71 28.09 -2.96
CA LEU B 385 11.16 29.44 -2.64
C LEU B 385 11.97 29.44 -1.35
N VAL B 386 11.47 28.76 -0.32
CA VAL B 386 12.17 28.74 0.96
C VAL B 386 13.55 28.12 0.79
N ILE B 387 13.63 27.01 0.05
CA ILE B 387 14.92 26.33 -0.12
C ILE B 387 15.90 27.22 -0.87
N ILE B 388 15.45 27.84 -1.97
CA ILE B 388 16.38 28.66 -2.74
C ILE B 388 16.86 29.83 -1.89
N SER B 389 15.97 30.42 -1.08
CA SER B 389 16.41 31.45 -0.16
C SER B 389 17.47 30.94 0.80
N LYS B 390 17.27 29.72 1.33
CA LYS B 390 18.20 29.21 2.33
C LYS B 390 19.58 28.92 1.73
N LEU B 391 19.62 28.17 0.63
CA LEU B 391 20.90 27.65 0.15
C LEU B 391 21.85 28.77 -0.27
N LEU B 392 21.33 29.78 -0.95
CA LEU B 392 22.19 30.83 -1.50
C LEU B 392 22.85 31.70 -0.43
N ASP B 393 22.71 31.40 0.86
CA ASP B 393 23.26 32.22 1.93
C ASP B 393 22.62 33.59 2.00
N GLU B 394 21.43 33.74 1.43
CA GLU B 394 20.71 34.99 1.47
C GLU B 394 20.04 35.17 2.83
N LYS B 395 20.14 36.38 3.38
CA LYS B 395 19.51 36.67 4.65
C LYS B 395 17.99 36.50 4.54
N HIS B 396 17.41 35.84 5.53
CA HIS B 396 15.97 35.58 5.50
C HIS B 396 15.19 36.85 5.81
N GLU B 397 15.25 37.82 4.90
CA GLU B 397 14.53 39.08 5.06
C GLU B 397 13.16 38.92 4.41
N ASP B 398 12.21 38.37 5.19
CA ASP B 398 10.81 38.22 4.83
C ASP B 398 10.62 37.92 3.34
N VAL B 399 11.26 36.86 2.86
CA VAL B 399 11.18 36.47 1.46
C VAL B 399 9.73 36.22 1.07
N ASN B 404 5.39 39.66 -9.15
CA ASN B 404 6.30 40.39 -10.02
C ASN B 404 7.68 40.51 -9.39
N LEU B 405 7.72 40.93 -8.12
CA LEU B 405 8.99 41.03 -7.41
C LEU B 405 9.72 39.69 -7.41
N GLN B 406 8.97 38.59 -7.44
CA GLN B 406 9.62 37.28 -7.58
C GLN B 406 10.46 37.22 -8.83
N VAL B 407 10.10 37.97 -9.88
CA VAL B 407 10.89 37.96 -11.10
C VAL B 407 12.30 38.49 -10.82
N SER B 408 12.38 39.65 -10.18
CA SER B 408 13.68 40.23 -9.84
C SER B 408 14.42 39.36 -8.82
N VAL B 409 13.69 38.73 -7.90
CA VAL B 409 14.34 37.87 -6.92
C VAL B 409 14.98 36.67 -7.60
N LEU B 410 14.25 36.05 -8.54
CA LEU B 410 14.82 34.93 -9.30
C LEU B 410 15.99 35.39 -10.15
N HIS B 411 15.91 36.58 -10.71
CA HIS B 411 17.05 37.12 -11.46
C HIS B 411 18.26 37.25 -10.54
N ARG B 412 18.05 37.79 -9.34
CA ARG B 412 19.14 37.89 -8.37
C ARG B 412 19.75 36.51 -8.11
N TYR B 413 18.90 35.53 -7.81
CA TYR B 413 19.38 34.16 -7.64
C TYR B 413 20.27 33.76 -8.81
N LEU B 414 19.71 33.78 -10.02
CA LEU B 414 20.45 33.34 -11.19
C LEU B 414 21.81 34.02 -11.28
N VAL B 415 21.86 35.32 -10.96
CA VAL B 415 23.15 35.99 -10.88
C VAL B 415 24.04 35.30 -9.85
N GLN B 416 23.47 34.90 -8.72
CA GLN B 416 24.28 34.26 -7.68
C GLN B 416 24.70 32.86 -8.07
N MET B 417 23.93 32.16 -8.90
CA MET B 417 24.24 30.78 -9.25
C MET B 417 25.26 30.66 -10.38
N LYS B 418 26.01 31.70 -10.67
CA LYS B 418 27.07 31.57 -11.67
C LYS B 418 28.09 30.56 -11.16
N PRO B 419 28.36 29.47 -11.88
CA PRO B 419 29.27 28.45 -11.33
C PRO B 419 30.61 28.99 -10.89
N SER B 420 31.18 29.95 -11.63
CA SER B 420 32.44 30.54 -11.21
C SER B 420 32.27 31.31 -9.90
N ASP B 421 31.17 32.03 -9.76
CA ASP B 421 30.94 32.81 -8.54
C ASP B 421 30.87 31.91 -7.31
N LEU B 422 30.06 30.85 -7.38
CA LEU B 422 29.96 29.93 -6.26
C LEU B 422 31.27 29.20 -6.03
N LEU B 423 31.98 28.85 -7.11
CA LEU B 423 33.28 28.22 -6.97
C LEU B 423 34.22 29.10 -6.15
N LYS B 424 34.27 30.39 -6.49
CA LYS B 424 35.16 31.31 -5.76
C LYS B 424 34.67 31.52 -4.33
N LYS B 425 33.34 31.54 -4.13
CA LYS B 425 32.81 31.70 -2.78
C LYS B 425 33.24 30.54 -1.89
N MET B 426 33.06 29.31 -2.38
CA MET B 426 33.51 28.15 -1.61
C MET B 426 35.02 28.12 -1.47
N VAL B 427 35.76 28.61 -2.47
CA VAL B 427 37.21 28.72 -2.35
C VAL B 427 37.57 29.61 -1.17
N LEU B 428 36.91 30.78 -1.09
CA LEU B 428 37.17 31.70 0.01
C LEU B 428 36.83 31.06 1.35
N LYS B 429 35.66 30.41 1.43
CA LYS B 429 35.23 29.83 2.69
C LYS B 429 36.19 28.73 3.15
N LYS B 430 36.59 27.85 2.22
CA LYS B 430 37.50 26.76 2.58
C LYS B 430 38.87 27.28 2.92
N LYS B 431 39.36 28.29 2.20
CA LYS B 431 40.65 28.88 2.51
C LYS B 431 40.63 29.48 3.92
N ALA B 432 39.55 30.18 4.27
CA ALA B 432 39.42 30.66 5.64
C ALA B 432 39.40 29.51 6.63
N GLU B 433 38.65 28.45 6.32
CA GLU B 433 38.57 27.30 7.21
C GLU B 433 39.91 26.57 7.27
N GLN B 434 40.49 26.27 6.12
CA GLN B 434 41.75 25.55 6.08
C GLN B 434 42.84 26.39 6.76
N PRO B 435 43.61 25.83 7.69
CA PRO B 435 44.65 26.64 8.34
C PRO B 435 45.67 27.20 7.37
N ASP B 436 45.99 26.46 6.30
CA ASP B 436 46.95 26.92 5.31
C ASP B 436 46.30 27.80 4.25
N GLY B 437 45.16 27.36 3.71
CA GLY B 437 44.49 28.11 2.66
C GLY B 437 45.00 27.82 1.27
N ILE B 438 45.60 26.66 1.03
CA ILE B 438 46.15 26.30 -0.27
C ILE B 438 45.33 25.13 -0.80
N ILE B 439 44.86 25.26 -2.04
CA ILE B 439 44.04 24.25 -2.70
C ILE B 439 44.79 23.72 -3.91
N ASP B 440 44.89 22.40 -4.00
CA ASP B 440 45.56 21.76 -5.12
C ASP B 440 44.58 21.58 -6.28
N ASP B 441 45.13 21.16 -7.43
CA ASP B 441 44.29 20.89 -8.59
C ASP B 441 43.25 19.82 -8.27
N SER B 442 43.64 18.80 -7.52
CA SER B 442 42.70 17.74 -7.17
C SER B 442 41.57 18.27 -6.28
N LEU B 443 41.93 18.99 -5.22
CA LEU B 443 40.91 19.57 -4.34
C LEU B 443 40.15 20.68 -5.04
N HIS B 444 40.83 21.43 -5.92
CA HIS B 444 40.13 22.39 -6.77
C HIS B 444 39.03 21.70 -7.57
N LEU B 445 39.35 20.58 -8.21
CA LEU B 445 38.36 19.85 -8.99
C LEU B 445 37.27 19.26 -8.10
N GLU B 446 37.62 18.84 -6.88
CA GLU B 446 36.59 18.36 -5.96
C GLU B 446 35.60 19.47 -5.63
N LEU B 447 36.10 20.66 -5.31
CA LEU B 447 35.21 21.78 -5.08
C LEU B 447 34.43 22.13 -6.34
N GLU B 448 35.03 21.92 -7.51
CA GLU B 448 34.29 22.10 -8.76
C GLU B 448 33.12 21.15 -8.83
N LYS B 449 33.33 19.90 -8.46
CA LYS B 449 32.22 18.94 -8.41
C LYS B 449 31.15 19.41 -7.44
N GLN B 450 31.57 19.89 -6.27
CA GLN B 450 30.59 20.33 -5.28
C GLN B 450 29.76 21.50 -5.81
N ALA B 451 30.43 22.48 -6.45
CA ALA B 451 29.73 23.63 -6.98
C ALA B 451 28.80 23.23 -8.12
N TYR B 452 29.23 22.32 -8.98
CA TYR B 452 28.35 21.83 -10.05
C TYR B 452 27.14 21.12 -9.48
N TYR B 453 27.33 20.31 -8.44
CA TYR B 453 26.20 19.66 -7.77
C TYR B 453 25.22 20.69 -7.24
N LEU B 454 25.76 21.70 -6.55
CA LEU B 454 24.90 22.74 -5.98
C LEU B 454 24.11 23.44 -7.08
N THR B 455 24.79 23.80 -8.17
CA THR B 455 24.12 24.47 -9.28
C THR B 455 23.06 23.60 -9.91
N TYR B 456 23.34 22.30 -10.06
CA TYR B 456 22.34 21.36 -10.55
C TYR B 456 21.09 21.42 -9.70
N ILE B 457 21.26 21.36 -8.38
CA ILE B 457 20.12 21.40 -7.48
C ILE B 457 19.36 22.72 -7.64
N LEU B 458 20.09 23.84 -7.69
CA LEU B 458 19.43 25.13 -7.79
C LEU B 458 18.63 25.25 -9.09
N LEU B 459 19.21 24.80 -10.21
CA LEU B 459 18.46 24.85 -11.47
C LEU B 459 17.21 23.98 -11.39
N HIS B 460 17.31 22.83 -10.73
CA HIS B 460 16.11 22.03 -10.51
C HIS B 460 15.05 22.84 -9.77
N LEU B 461 15.45 23.48 -8.67
CA LEU B 461 14.48 24.24 -7.89
C LEU B 461 13.88 25.37 -8.70
N VAL B 462 14.70 26.04 -9.53
CA VAL B 462 14.18 27.09 -10.40
C VAL B 462 13.15 26.50 -11.36
N GLY B 463 13.44 25.31 -11.90
CA GLY B 463 12.49 24.69 -12.80
C GLY B 463 11.15 24.44 -12.14
N GLU B 464 11.17 23.90 -10.92
CA GLU B 464 9.91 23.68 -10.20
C GLU B 464 9.19 24.99 -9.92
N VAL B 465 9.89 25.99 -9.37
CA VAL B 465 9.20 27.22 -8.98
C VAL B 465 8.60 27.91 -10.19
N SER B 466 9.34 27.95 -11.30
CA SER B 466 8.89 28.70 -12.46
C SER B 466 7.52 28.24 -12.95
N CYS B 467 7.23 26.95 -12.82
CA CYS B 467 5.95 26.43 -13.30
C CYS B 467 4.79 27.15 -12.64
N SER B 468 3.84 27.59 -13.46
CA SER B 468 2.65 28.27 -12.97
C SER B 468 1.55 28.15 -14.01
N HIS B 469 0.30 28.34 -13.56
CA HIS B 469 -0.86 28.22 -14.44
C HIS B 469 -1.50 29.56 -14.77
N SER B 470 -1.30 30.58 -13.96
CA SER B 470 -1.88 31.90 -14.19
C SER B 470 -0.79 32.87 -14.65
N PHE B 471 -1.08 33.62 -15.70
CA PHE B 471 -0.12 34.57 -16.25
C PHE B 471 -0.85 35.75 -16.86
N SER B 472 -0.34 36.95 -16.59
CA SER B 472 -0.72 38.14 -17.35
C SER B 472 0.19 38.28 -18.56
N SER B 473 -0.20 39.19 -19.46
CA SER B 473 0.60 39.38 -20.68
C SER B 473 2.03 39.77 -20.35
N GLY B 474 2.21 40.73 -19.44
CA GLY B 474 3.54 41.17 -19.07
C GLY B 474 4.44 40.05 -18.60
N GLN B 475 3.86 38.97 -18.08
CA GLN B 475 4.68 37.84 -17.65
C GLN B 475 5.62 37.38 -18.74
N ARG B 476 5.18 37.47 -20.01
CA ARG B 476 6.04 37.16 -21.13
C ARG B 476 7.44 37.73 -20.92
N LYS B 477 7.51 39.05 -20.70
CA LYS B 477 8.80 39.70 -20.54
C LYS B 477 9.66 38.98 -19.50
N HIS B 478 9.07 38.68 -18.34
CA HIS B 478 9.81 37.97 -17.31
C HIS B 478 10.43 36.70 -17.87
N PHE B 479 9.60 35.86 -18.50
CA PHE B 479 10.13 34.66 -19.10
C PHE B 479 11.21 35.00 -20.12
N VAL B 480 10.97 36.01 -20.96
CA VAL B 480 11.99 36.43 -21.91
C VAL B 480 13.28 36.76 -21.18
N LEU B 481 13.18 37.51 -20.08
CA LEU B 481 14.36 37.75 -19.27
C LEU B 481 14.88 36.45 -18.67
N LEU B 482 13.99 35.65 -18.10
CA LEU B 482 14.41 34.44 -17.41
C LEU B 482 15.31 33.59 -18.29
N CYS B 483 14.79 33.13 -19.42
CA CYS B 483 15.61 32.34 -20.34
C CYS B 483 16.90 33.08 -20.66
N GLY B 484 16.81 34.38 -20.96
CA GLY B 484 18.01 35.14 -21.25
C GLY B 484 19.05 34.98 -20.15
N ALA B 485 18.62 35.15 -18.90
CA ALA B 485 19.55 34.95 -17.78
C ALA B 485 20.19 33.57 -17.86
N LEU B 486 19.37 32.53 -18.03
CA LEU B 486 19.91 31.19 -18.19
C LEU B 486 20.92 31.16 -19.32
N GLU B 487 20.57 31.76 -20.45
CA GLU B 487 21.52 31.85 -21.56
C GLU B 487 22.72 32.71 -21.19
N LYS B 488 22.49 33.82 -20.49
CA LYS B 488 23.54 34.78 -20.22
C LYS B 488 24.24 34.48 -18.91
N HIS B 489 23.49 34.47 -17.81
CA HIS B 489 24.08 34.30 -16.48
C HIS B 489 24.50 32.87 -16.18
N VAL B 490 24.07 31.89 -16.98
CA VAL B 490 24.38 30.49 -16.68
C VAL B 490 25.05 29.83 -17.89
N LYS B 491 24.39 29.87 -19.05
CA LYS B 491 24.86 29.09 -20.19
C LYS B 491 26.23 29.56 -20.65
N CYS B 492 26.41 30.87 -20.82
CA CYS B 492 27.67 31.38 -21.39
C CYS B 492 28.86 31.01 -20.51
N ASP B 493 28.73 31.16 -19.20
CA ASP B 493 29.82 30.81 -18.31
C ASP B 493 30.13 29.32 -18.32
N ILE B 494 29.19 28.50 -18.81
CA ILE B 494 29.42 27.06 -18.92
C ILE B 494 30.17 26.78 -20.21
N ARG B 495 31.36 26.20 -20.09
CA ARG B 495 32.18 25.83 -21.24
C ARG B 495 32.19 24.31 -21.34
N GLU B 496 31.78 23.80 -22.49
CA GLU B 496 31.69 22.35 -22.68
C GLU B 496 33.08 21.73 -22.69
N ASP B 497 33.22 20.62 -21.99
CA ASP B 497 34.46 19.84 -21.99
C ASP B 497 34.08 18.37 -22.12
N ALA B 498 34.52 17.74 -23.21
CA ALA B 498 34.09 16.38 -23.49
C ALA B 498 34.53 15.42 -22.39
N ARG B 499 35.75 15.58 -21.87
CA ARG B 499 36.24 14.71 -20.82
C ARG B 499 35.49 14.91 -19.50
N LEU B 500 34.71 15.97 -19.37
CA LEU B 500 34.02 16.32 -18.12
C LEU B 500 32.52 16.24 -18.39
N PHE B 501 31.91 15.12 -18.00
CA PHE B 501 30.52 14.87 -18.33
C PHE B 501 29.57 15.74 -17.53
N TYR B 502 29.94 16.10 -16.30
CA TYR B 502 29.03 16.88 -15.45
C TYR B 502 28.66 18.20 -16.10
N ARG B 503 29.62 18.83 -16.77
CA ARG B 503 29.32 20.05 -17.52
C ARG B 503 28.25 19.79 -18.56
N THR B 504 28.36 18.66 -19.27
CA THR B 504 27.35 18.31 -20.26
C THR B 504 25.99 18.10 -19.60
N LYS B 505 25.97 17.45 -18.42
CA LYS B 505 24.71 17.23 -17.73
C LYS B 505 24.03 18.55 -17.40
N VAL B 506 24.78 19.48 -16.81
CA VAL B 506 24.19 20.76 -16.43
C VAL B 506 23.74 21.53 -17.67
N LYS B 507 24.56 21.50 -18.72
CA LYS B 507 24.20 22.20 -19.95
C LYS B 507 22.90 21.66 -20.52
N ASP B 508 22.77 20.32 -20.57
CA ASP B 508 21.55 19.74 -21.10
C ASP B 508 20.35 20.06 -20.22
N LEU B 509 20.55 20.07 -18.91
CA LEU B 509 19.47 20.47 -18.01
C LEU B 509 18.99 21.88 -18.34
N VAL B 510 19.93 22.81 -18.49
CA VAL B 510 19.57 24.18 -18.86
C VAL B 510 18.83 24.19 -20.18
N ALA B 511 19.26 23.35 -21.12
CA ALA B 511 18.59 23.26 -22.40
C ALA B 511 17.14 22.83 -22.24
N ARG B 512 16.90 21.84 -21.38
CA ARG B 512 15.52 21.39 -21.16
C ARG B 512 14.69 22.51 -20.55
N ILE B 513 15.24 23.23 -19.56
CA ILE B 513 14.49 24.33 -18.97
C ILE B 513 14.15 25.36 -20.02
N HIS B 514 15.13 25.69 -20.88
CA HIS B 514 14.88 26.65 -21.95
C HIS B 514 13.77 26.16 -22.86
N GLY B 515 13.79 24.88 -23.21
CA GLY B 515 12.74 24.35 -24.08
C GLY B 515 11.36 24.47 -23.47
N LYS B 516 11.24 24.08 -22.19
CA LYS B 516 9.93 24.17 -21.54
C LYS B 516 9.46 25.61 -21.46
N TRP B 517 10.35 26.54 -21.09
CA TRP B 517 9.94 27.93 -20.99
C TRP B 517 9.55 28.49 -22.35
N GLN B 518 10.30 28.15 -23.39
CA GLN B 518 9.95 28.61 -24.73
C GLN B 518 8.59 28.08 -25.16
N GLU B 519 8.32 26.80 -24.89
CA GLU B 519 7.02 26.24 -25.23
C GLU B 519 5.90 26.96 -24.49
N ILE B 520 6.09 27.20 -23.19
CA ILE B 520 5.07 27.91 -22.43
C ILE B 520 4.84 29.30 -23.00
N ILE B 521 5.92 30.00 -23.35
CA ILE B 521 5.80 31.34 -23.90
C ILE B 521 5.01 31.32 -25.20
N GLN B 522 5.39 30.43 -26.11
CA GLN B 522 4.71 30.37 -27.40
C GLN B 522 3.28 29.87 -27.28
N ASN B 523 2.92 29.24 -26.15
CA ASN B 523 1.56 28.75 -25.99
C ASN B 523 0.54 29.89 -26.10
N CYS B 524 0.94 31.12 -25.83
CA CYS B 524 0.04 32.25 -25.95
C CYS B 524 -0.02 32.73 -27.40
#